data_4FVK
#
_entry.id   4FVK
#
_cell.length_a   122.496
_cell.length_b   122.496
_cell.length_c   110.504
_cell.angle_alpha   90.00
_cell.angle_beta   90.00
_cell.angle_gamma   90.00
#
_symmetry.space_group_name_H-M   'P 4 21 2'
#
loop_
_entity.id
_entity.type
_entity.pdbx_description
1 polymer Neuraminidase
2 branched 2-acetamido-2-deoxy-beta-D-glucopyranose-(1-4)-2-acetamido-2-deoxy-beta-D-glucopyranose
3 non-polymer 'CALCIUM ION'
4 non-polymer 'ZINC ION'
5 non-polymer 2-acetamido-2-deoxy-beta-D-glucopyranose
6 water water
#
_entity_poly.entity_id   1
_entity_poly.type   'polypeptide(L)'
_entity_poly.pdbx_seq_one_letter_code
;GSPSRSPEFFYWRAKSQMCEVKGWVPTHRGFPWGPELPGDLILSRRAYVSCDLTSCFKFFIAYGLSANQHLLNTSMEWEE
SLYKTPIGSASTLSTSEMILPGRSSSACFDGLKWTVLVANGRDRNSFIMIKYGEEVTDTFSASRGGPLRLPNSECICIEG
SCFVIVSDGPNVNQSVHRIYELQNGTVQRWKQLNTTGINFEYSTCYTINNLIKCTGTNLWNDAKRPLLRFTKELNYQIVE
PCNGAPTDFPRGGLTTPSCKMAQEKGEGGIQGFILDEKPAWTSKTKAESSQNGFVLEQIPNGIESEGTVSLSYELFSNKR
TGRSGFFQPKGDLISGCQRICFWLEIEDQTVGLGMIQELSTFCGINSPVQNINWDS
;
_entity_poly.pdbx_strand_id   A,B
#
loop_
_chem_comp.id
_chem_comp.type
_chem_comp.name
_chem_comp.formula
CA non-polymer 'CALCIUM ION' 'Ca 2'
NAG D-saccharide, beta linking 2-acetamido-2-deoxy-beta-D-glucopyranose 'C8 H15 N O6'
ZN non-polymer 'ZINC ION' 'Zn 2'
#
# COMPACT_ATOMS: atom_id res chain seq x y z
N PHE A 10 -47.61 -6.69 7.23
CA PHE A 10 -47.46 -7.55 8.40
C PHE A 10 -46.09 -8.24 8.41
N TYR A 11 -45.39 -8.18 7.28
CA TYR A 11 -43.96 -8.51 7.24
C TYR A 11 -43.26 -7.44 8.03
N TRP A 12 -42.03 -7.71 8.45
CA TRP A 12 -41.30 -6.72 9.23
C TRP A 12 -40.74 -5.59 8.36
N ARG A 13 -40.70 -4.40 8.93
CA ARG A 13 -40.02 -3.25 8.38
C ARG A 13 -39.55 -2.38 9.56
N ALA A 14 -38.50 -1.61 9.32
CA ALA A 14 -37.93 -0.79 10.38
C ALA A 14 -38.91 0.28 10.82
N LYS A 15 -38.81 0.70 12.08
CA LYS A 15 -39.57 1.87 12.53
C LYS A 15 -39.12 3.09 11.71
N SER A 16 -40.00 4.08 11.59
CA SER A 16 -39.85 5.10 10.57
C SER A 16 -38.56 5.92 10.67
N GLN A 17 -38.10 6.14 11.88
CA GLN A 17 -36.90 6.95 12.09
C GLN A 17 -35.95 6.20 13.00
N MET A 18 -34.66 6.37 12.81
CA MET A 18 -33.68 5.81 13.71
C MET A 18 -33.58 6.65 14.99
N CYS A 19 -33.48 5.98 16.14
CA CYS A 19 -33.33 6.66 17.42
C CYS A 19 -32.04 7.47 17.42
N GLU A 20 -32.04 8.59 18.13
CA GLU A 20 -30.79 9.33 18.32
C GLU A 20 -29.86 8.46 19.12
N VAL A 21 -28.58 8.47 18.76
CA VAL A 21 -27.59 7.70 19.51
C VAL A 21 -26.55 8.62 20.13
N LYS A 22 -26.52 8.67 21.45
CA LYS A 22 -25.54 9.47 22.18
C LYS A 22 -24.56 8.60 22.96
N GLY A 23 -24.75 7.28 22.89
CA GLY A 23 -23.81 6.36 23.50
C GLY A 23 -24.19 4.90 23.27
N TRP A 24 -23.38 3.99 23.81
CA TRP A 24 -23.55 2.55 23.55
C TRP A 24 -23.39 1.77 24.85
N VAL A 25 -24.39 0.96 25.19
CA VAL A 25 -24.31 0.15 26.39
C VAL A 25 -24.32 -1.33 26.00
N PRO A 26 -23.58 -2.15 26.74
CA PRO A 26 -23.56 -3.59 26.45
C PRO A 26 -24.82 -4.22 26.97
N THR A 27 -25.48 -4.96 26.09
CA THR A 27 -26.65 -5.72 26.47
C THR A 27 -26.23 -7.14 26.80
N HIS A 28 -25.07 -7.54 26.30
CA HIS A 28 -24.48 -8.82 26.67
C HIS A 28 -22.99 -8.72 26.57
N ARG A 29 -22.29 -9.04 27.65
CA ARG A 29 -20.85 -9.24 27.53
C ARG A 29 -20.68 -10.64 26.96
N GLY A 30 -19.50 -10.98 26.47
CA GLY A 30 -19.34 -12.33 25.96
C GLY A 30 -19.24 -13.28 27.14
N PHE A 31 -19.58 -14.55 26.96
CA PHE A 31 -19.32 -15.52 28.02
C PHE A 31 -17.83 -15.44 28.34
N PRO A 32 -17.50 -15.28 29.62
CA PRO A 32 -16.15 -14.84 29.98
C PRO A 32 -15.14 -15.97 30.06
N TRP A 33 -15.06 -16.82 29.03
CA TRP A 33 -14.13 -17.96 29.06
C TRP A 33 -12.67 -17.51 28.95
N GLY A 34 -11.75 -18.37 29.37
CA GLY A 34 -10.34 -18.05 29.27
C GLY A 34 -9.79 -17.61 30.62
N PRO A 35 -8.71 -18.24 31.08
CA PRO A 35 -7.94 -19.23 30.32
C PRO A 35 -8.61 -20.61 30.25
N GLU A 36 -9.70 -20.80 31.00
CA GLU A 36 -10.40 -22.07 31.00
C GLU A 36 -11.83 -21.91 30.54
N LEU A 37 -12.44 -23.03 30.15
CA LEU A 37 -13.79 -23.03 29.60
C LEU A 37 -14.37 -24.43 29.89
N PRO A 38 -15.70 -24.54 29.98
CA PRO A 38 -16.34 -25.82 30.33
C PRO A 38 -16.32 -26.79 29.17
N GLY A 39 -16.46 -28.08 29.45
CA GLY A 39 -16.53 -29.09 28.40
C GLY A 39 -17.87 -29.03 27.69
N ASP A 40 -17.96 -29.66 26.51
CA ASP A 40 -19.19 -29.67 25.69
C ASP A 40 -19.54 -28.33 25.08
N LEU A 41 -18.57 -27.45 24.98
CA LEU A 41 -18.82 -26.18 24.35
C LEU A 41 -18.48 -26.28 22.87
N ILE A 42 -19.37 -25.84 22.00
CA ILE A 42 -19.04 -25.69 20.59
C ILE A 42 -18.25 -24.38 20.40
N LEU A 43 -17.04 -24.48 19.87
CA LEU A 43 -16.20 -23.29 19.64
C LEU A 43 -16.59 -22.75 18.28
N SER A 44 -16.66 -21.43 18.14
CA SER A 44 -17.27 -20.85 16.95
C SER A 44 -16.43 -19.77 16.26
N ARG A 45 -16.68 -19.56 14.98
CA ARG A 45 -16.02 -18.47 14.24
C ARG A 45 -17.07 -17.91 13.30
N ARG A 46 -16.83 -16.72 12.75
CA ARG A 46 -17.77 -16.14 11.79
C ARG A 46 -19.18 -16.08 12.38
N ALA A 47 -19.23 -15.76 13.67
CA ALA A 47 -20.49 -15.58 14.37
C ALA A 47 -21.03 -14.17 14.15
N TYR A 48 -22.35 -14.04 14.19
CA TYR A 48 -23.02 -12.73 14.16
C TYR A 48 -24.35 -12.90 14.87
N VAL A 49 -25.07 -11.81 15.15
CA VAL A 49 -26.38 -12.00 15.76
C VAL A 49 -27.50 -11.53 14.87
N SER A 50 -28.67 -12.11 15.02
CA SER A 50 -29.83 -11.65 14.28
C SER A 50 -31.00 -12.04 15.11
N CYS A 51 -32.12 -11.33 14.96
CA CYS A 51 -33.26 -11.46 15.87
C CYS A 51 -34.57 -11.82 15.16
N ASP A 52 -35.46 -12.56 15.84
CA ASP A 52 -36.83 -12.64 15.35
C ASP A 52 -37.64 -11.55 16.02
N LEU A 53 -38.97 -11.64 16.02
CA LEU A 53 -39.74 -10.57 16.67
C LEU A 53 -39.72 -10.67 18.18
N THR A 54 -39.12 -11.73 18.71
CA THR A 54 -39.17 -11.96 20.17
C THR A 54 -37.81 -11.87 20.84
N SER A 55 -36.83 -12.62 20.37
CA SER A 55 -35.51 -12.50 20.96
C SER A 55 -34.45 -12.63 19.89
N CYS A 56 -33.19 -12.72 20.31
CA CYS A 56 -32.05 -12.64 19.42
C CYS A 56 -31.24 -13.93 19.49
N PHE A 57 -30.52 -14.25 18.41
CA PHE A 57 -29.76 -15.49 18.33
C PHE A 57 -28.37 -15.18 17.81
N LYS A 58 -27.40 -15.96 18.27
CA LYS A 58 -26.08 -16.01 17.66
C LYS A 58 -26.09 -17.09 16.58
N PHE A 59 -25.66 -16.72 15.38
CA PHE A 59 -25.46 -17.64 14.26
C PHE A 59 -23.97 -17.83 14.07
N PHE A 60 -23.51 -19.05 13.86
CA PHE A 60 -22.07 -19.27 13.78
C PHE A 60 -21.68 -20.56 13.09
N ILE A 61 -20.45 -20.57 12.57
CA ILE A 61 -19.82 -21.78 12.04
C ILE A 61 -19.06 -22.48 13.18
N ALA A 62 -19.42 -23.72 13.46
CA ALA A 62 -18.70 -24.52 14.45
C ALA A 62 -17.34 -24.96 13.92
N TYR A 63 -16.31 -24.98 14.76
CA TYR A 63 -15.07 -25.58 14.30
C TYR A 63 -14.49 -26.56 15.29
N GLY A 64 -15.12 -26.71 16.46
CA GLY A 64 -14.68 -27.67 17.47
C GLY A 64 -15.57 -27.82 18.70
N LEU A 65 -15.28 -28.86 19.48
CA LEU A 65 -16.02 -29.12 20.69
C LEU A 65 -15.00 -29.38 21.77
N SER A 66 -15.14 -28.68 22.90
CA SER A 66 -14.18 -28.79 24.01
C SER A 66 -14.45 -30.01 24.90
N ALA A 67 -13.41 -30.43 25.60
CA ALA A 67 -13.52 -31.43 26.65
C ALA A 67 -12.19 -31.41 27.35
N ASN A 68 -12.20 -31.28 28.68
CA ASN A 68 -10.97 -31.23 29.46
C ASN A 68 -10.01 -30.16 28.97
N GLN A 69 -10.56 -29.00 28.60
CA GLN A 69 -9.76 -27.85 28.18
C GLN A 69 -9.19 -27.93 26.78
N HIS A 70 -9.31 -29.10 26.13
CA HIS A 70 -8.77 -29.24 24.78
C HIS A 70 -9.87 -29.46 23.74
N LEU A 71 -9.48 -29.45 22.49
CA LEU A 71 -10.40 -29.77 21.41
C LEU A 71 -10.52 -31.30 21.28
N LEU A 72 -11.76 -31.79 21.29
CA LEU A 72 -12.03 -33.17 20.87
C LEU A 72 -11.52 -33.32 19.45
N ASN A 73 -10.77 -34.39 19.19
CA ASN A 73 -10.35 -34.67 17.83
C ASN A 73 -11.59 -35.21 17.10
N THR A 74 -12.22 -34.36 16.30
CA THR A 74 -13.41 -34.71 15.51
C THR A 74 -13.16 -34.19 14.10
N SER A 75 -14.16 -34.27 13.24
CA SER A 75 -14.04 -33.73 11.89
C SER A 75 -14.73 -32.36 11.76
N MET A 76 -14.96 -31.71 12.90
CA MET A 76 -15.78 -30.51 12.90
C MET A 76 -15.14 -29.35 12.15
N GLU A 77 -13.81 -29.26 12.23
CA GLU A 77 -13.10 -28.14 11.60
C GLU A 77 -13.32 -28.12 10.08
N TRP A 78 -13.17 -29.23 9.31
CA TRP A 78 -13.31 -29.27 7.85
C TRP A 78 -14.69 -29.72 7.37
N GLU A 79 -15.54 -30.20 8.27
CA GLU A 79 -16.94 -30.39 7.87
C GLU A 79 -17.76 -29.26 8.49
N GLU A 80 -17.81 -28.17 7.92
CA GLU A 80 -18.30 -26.94 8.49
C GLU A 80 -19.81 -26.90 8.42
N SER A 81 -20.42 -26.54 9.54
CA SER A 81 -21.85 -26.40 9.56
C SER A 81 -22.21 -25.16 10.35
N LEU A 82 -23.33 -24.56 9.99
CA LEU A 82 -23.85 -23.39 10.66
C LEU A 82 -24.74 -23.83 11.83
N TYR A 83 -24.62 -23.14 12.96
CA TYR A 83 -25.44 -23.41 14.13
C TYR A 83 -26.11 -22.14 14.62
N LYS A 84 -27.08 -22.30 15.51
CA LYS A 84 -27.81 -21.18 16.11
C LYS A 84 -27.97 -21.46 17.62
N THR A 85 -27.82 -20.42 18.43
CA THR A 85 -27.93 -20.47 19.89
C THR A 85 -28.59 -19.18 20.37
N PRO A 86 -29.49 -19.24 21.38
CA PRO A 86 -30.06 -17.99 21.93
C PRO A 86 -28.96 -17.08 22.51
N ILE A 87 -29.09 -15.75 22.42
CA ILE A 87 -27.99 -14.87 22.88
C ILE A 87 -27.65 -15.11 24.32
N GLY A 88 -28.68 -15.38 25.13
CA GLY A 88 -28.49 -15.56 26.55
C GLY A 88 -27.93 -16.89 27.01
N SER A 89 -27.60 -17.80 26.09
CA SER A 89 -27.06 -19.10 26.48
C SER A 89 -25.67 -19.35 25.98
N ALA A 90 -24.91 -20.12 26.74
CA ALA A 90 -23.60 -20.57 26.29
C ALA A 90 -23.83 -21.50 25.12
N SER A 91 -22.83 -21.68 24.27
CA SER A 91 -23.04 -22.48 23.06
C SER A 91 -22.69 -23.97 23.26
N THR A 92 -23.49 -24.68 24.06
CA THR A 92 -23.29 -26.12 24.29
C THR A 92 -24.08 -26.96 23.32
N LEU A 93 -23.77 -28.25 23.27
CA LEU A 93 -24.49 -29.21 22.45
C LEU A 93 -25.98 -29.28 22.79
N SER A 94 -26.31 -29.16 24.07
CA SER A 94 -27.72 -29.31 24.45
C SER A 94 -28.53 -28.09 24.06
N THR A 95 -27.85 -26.98 23.85
CA THR A 95 -28.56 -25.72 23.69
C THR A 95 -28.42 -25.12 22.27
N SER A 96 -27.54 -25.68 21.44
CA SER A 96 -27.32 -25.11 20.10
C SER A 96 -27.94 -26.02 19.06
N GLU A 97 -28.39 -25.44 17.95
CA GLU A 97 -29.06 -26.22 16.93
C GLU A 97 -28.31 -26.19 15.59
N MET A 98 -28.07 -27.34 14.99
CA MET A 98 -27.47 -27.38 13.65
C MET A 98 -28.51 -26.99 12.59
N ILE A 99 -28.17 -26.03 11.73
CA ILE A 99 -29.11 -25.48 10.77
C ILE A 99 -28.85 -26.02 9.37
N LEU A 100 -27.61 -25.85 8.89
CA LEU A 100 -27.19 -26.26 7.54
C LEU A 100 -25.66 -26.38 7.49
N PRO A 101 -25.16 -27.19 6.54
CA PRO A 101 -23.73 -27.22 6.26
C PRO A 101 -23.34 -25.86 5.65
N GLY A 102 -22.15 -25.34 5.92
CA GLY A 102 -21.74 -24.05 5.36
C GLY A 102 -20.44 -23.55 5.93
N ARG A 103 -19.69 -22.72 5.18
CA ARG A 103 -18.43 -22.16 5.69
C ARG A 103 -18.51 -20.64 5.85
N SER A 104 -19.48 -20.04 5.18
CA SER A 104 -19.85 -18.67 5.49
C SER A 104 -21.37 -18.63 5.39
N SER A 105 -21.99 -17.57 5.92
CA SER A 105 -23.44 -17.54 5.97
C SER A 105 -24.08 -16.17 6.16
N SER A 106 -25.40 -16.11 6.01
CA SER A 106 -26.17 -14.92 6.37
C SER A 106 -27.57 -15.38 6.80
N ALA A 107 -28.23 -14.62 7.67
CA ALA A 107 -29.54 -15.02 8.19
C ALA A 107 -30.35 -13.79 8.54
N CYS A 108 -31.67 -13.88 8.38
CA CYS A 108 -32.54 -12.75 8.69
C CYS A 108 -33.99 -13.18 8.73
N PHE A 109 -34.73 -12.64 9.69
CA PHE A 109 -36.13 -12.99 9.92
C PHE A 109 -37.00 -11.91 9.28
N ASP A 110 -37.96 -12.29 8.45
CA ASP A 110 -38.73 -11.30 7.68
C ASP A 110 -40.03 -10.91 8.39
N GLY A 111 -40.21 -11.42 9.60
CA GLY A 111 -41.45 -11.25 10.33
C GLY A 111 -42.26 -12.55 10.36
N LEU A 112 -41.96 -13.44 9.44
CA LEU A 112 -42.72 -14.68 9.34
C LEU A 112 -41.78 -15.85 9.59
N LYS A 113 -40.70 -15.96 8.82
CA LYS A 113 -39.77 -17.07 8.95
C LYS A 113 -38.35 -16.60 8.80
N TRP A 114 -37.41 -17.44 9.21
CA TRP A 114 -36.00 -17.24 8.92
C TRP A 114 -35.61 -17.51 7.47
N THR A 115 -34.87 -16.57 6.87
CA THR A 115 -34.18 -16.85 5.61
C THR A 115 -32.73 -17.05 6.02
N VAL A 116 -32.15 -18.17 5.61
CA VAL A 116 -30.78 -18.53 5.96
C VAL A 116 -30.04 -18.90 4.65
N LEU A 117 -28.88 -18.28 4.41
CA LEU A 117 -28.03 -18.62 3.26
C LEU A 117 -26.69 -19.17 3.73
N VAL A 118 -26.20 -20.20 3.07
CA VAL A 118 -24.88 -20.73 3.38
C VAL A 118 -24.15 -20.94 2.06
N ALA A 119 -22.83 -20.91 2.11
CA ALA A 119 -22.00 -21.18 0.96
C ALA A 119 -21.16 -22.42 1.26
N ASN A 120 -21.00 -23.31 0.28
CA ASN A 120 -20.17 -24.48 0.43
C ASN A 120 -19.34 -24.74 -0.82
N GLY A 121 -18.17 -25.36 -0.65
CA GLY A 121 -17.28 -25.58 -1.78
C GLY A 121 -16.11 -24.60 -1.79
N ARG A 122 -14.98 -25.04 -2.29
CA ARG A 122 -13.76 -24.25 -2.14
C ARG A 122 -13.41 -23.36 -3.33
N ASP A 123 -13.76 -23.78 -4.55
CA ASP A 123 -13.45 -23.00 -5.73
C ASP A 123 -14.60 -22.95 -6.73
N ARG A 124 -14.39 -23.53 -7.90
CA ARG A 124 -15.42 -23.51 -8.94
C ARG A 124 -16.64 -24.36 -8.60
N ASN A 125 -16.47 -25.32 -7.70
CA ASN A 125 -17.61 -26.10 -7.23
C ASN A 125 -18.50 -25.36 -6.25
N SER A 126 -18.09 -24.16 -5.85
CA SER A 126 -18.77 -23.44 -4.79
C SER A 126 -20.21 -23.06 -5.15
N PHE A 127 -21.11 -23.14 -4.16
CA PHE A 127 -22.50 -22.76 -4.40
C PHE A 127 -23.21 -22.30 -3.13
N ILE A 128 -24.31 -21.57 -3.31
CA ILE A 128 -25.11 -21.09 -2.19
C ILE A 128 -26.48 -21.81 -2.12
N MET A 129 -26.87 -22.19 -0.91
CA MET A 129 -28.18 -22.76 -0.64
C MET A 129 -29.01 -21.80 0.21
N ILE A 130 -30.31 -21.74 -0.03
CA ILE A 130 -31.18 -20.89 0.77
C ILE A 130 -32.29 -21.70 1.45
N LYS A 131 -32.51 -21.40 2.73
CA LYS A 131 -33.56 -22.02 3.53
C LYS A 131 -34.58 -20.95 3.90
N TYR A 132 -35.85 -21.29 3.76
CA TYR A 132 -36.92 -20.44 4.27
C TYR A 132 -37.67 -21.27 5.31
N GLY A 133 -37.58 -20.86 6.57
CA GLY A 133 -37.98 -21.72 7.68
C GLY A 133 -37.13 -22.99 7.65
N GLU A 134 -37.78 -24.14 7.60
CA GLU A 134 -37.07 -25.41 7.55
C GLU A 134 -36.89 -25.90 6.11
N GLU A 135 -37.49 -25.19 5.17
CA GLU A 135 -37.56 -25.64 3.79
C GLU A 135 -36.45 -25.03 2.88
N VAL A 136 -35.62 -25.86 2.29
CA VAL A 136 -34.65 -25.38 1.29
C VAL A 136 -35.41 -24.91 0.05
N THR A 137 -35.22 -23.65 -0.33
CA THR A 137 -36.05 -23.02 -1.34
C THR A 137 -35.32 -22.61 -2.61
N ASP A 138 -34.00 -22.55 -2.56
CA ASP A 138 -33.24 -22.10 -3.72
C ASP A 138 -31.76 -22.41 -3.63
N THR A 139 -31.10 -22.41 -4.79
CA THR A 139 -29.66 -22.59 -4.92
C THR A 139 -29.11 -21.75 -6.09
N PHE A 140 -27.84 -21.37 -6.04
CA PHE A 140 -27.16 -20.85 -7.22
C PHE A 140 -25.66 -21.06 -7.09
N SER A 141 -24.97 -20.99 -8.22
CA SER A 141 -23.55 -21.36 -8.31
C SER A 141 -22.61 -20.15 -8.49
N ALA A 142 -21.32 -20.39 -8.28
CA ALA A 142 -20.29 -19.39 -8.55
C ALA A 142 -20.30 -19.06 -10.04
N SER A 143 -20.10 -17.79 -10.36
CA SER A 143 -20.13 -17.34 -11.76
C SER A 143 -18.77 -16.81 -12.22
N ARG A 144 -17.87 -16.59 -11.27
CA ARG A 144 -16.60 -15.98 -11.58
C ARG A 144 -15.43 -16.75 -10.99
N GLY A 145 -15.58 -18.07 -10.92
CA GLY A 145 -14.51 -18.93 -10.46
C GLY A 145 -14.64 -19.37 -9.02
N GLY A 146 -15.51 -18.69 -8.26
CA GLY A 146 -15.65 -18.98 -6.85
C GLY A 146 -14.40 -18.68 -6.06
N PRO A 147 -14.43 -18.93 -4.74
CA PRO A 147 -15.61 -19.40 -4.00
C PRO A 147 -16.65 -18.30 -3.81
N LEU A 148 -17.93 -18.67 -3.79
CA LEU A 148 -18.97 -17.75 -3.36
C LEU A 148 -18.78 -17.50 -1.88
N ARG A 149 -19.03 -16.28 -1.43
CA ARG A 149 -18.79 -15.88 -0.05
C ARG A 149 -19.97 -15.05 0.44
N LEU A 150 -20.52 -15.43 1.59
CA LEU A 150 -21.60 -14.68 2.23
C LEU A 150 -20.98 -13.81 3.29
N PRO A 151 -21.71 -12.79 3.75
CA PRO A 151 -21.12 -11.78 4.64
C PRO A 151 -20.79 -12.20 6.08
N ASN A 152 -21.41 -13.24 6.63
CA ASN A 152 -21.31 -13.51 8.07
C ASN A 152 -21.83 -12.36 8.92
N SER A 153 -23.01 -11.87 8.56
CA SER A 153 -23.69 -10.81 9.30
C SER A 153 -25.10 -10.93 8.82
N GLU A 154 -26.05 -10.29 9.49
CA GLU A 154 -27.44 -10.55 9.15
C GLU A 154 -27.79 -9.97 7.77
N CYS A 155 -28.60 -10.68 7.00
CA CYS A 155 -29.15 -10.09 5.79
C CYS A 155 -30.24 -9.13 6.21
N ILE A 156 -30.81 -8.42 5.24
CA ILE A 156 -31.71 -7.32 5.54
C ILE A 156 -33.08 -7.52 4.89
N CYS A 157 -34.12 -7.50 5.71
CA CYS A 157 -35.47 -7.72 5.21
C CYS A 157 -36.31 -6.45 5.33
N ILE A 158 -36.95 -6.04 4.26
CA ILE A 158 -37.88 -4.91 4.33
C ILE A 158 -39.20 -5.34 3.72
N GLU A 159 -40.26 -5.39 4.51
CA GLU A 159 -41.57 -5.75 3.95
C GLU A 159 -41.59 -7.03 3.11
N GLY A 160 -40.84 -8.06 3.49
CA GLY A 160 -40.94 -9.33 2.80
C GLY A 160 -39.86 -9.57 1.75
N SER A 161 -39.13 -8.50 1.40
CA SER A 161 -38.00 -8.66 0.51
C SER A 161 -36.72 -8.63 1.33
N CYS A 162 -35.85 -9.61 1.11
CA CYS A 162 -34.59 -9.73 1.83
C CYS A 162 -33.38 -9.55 0.91
N PHE A 163 -32.40 -8.77 1.39
CA PHE A 163 -31.24 -8.43 0.59
C PHE A 163 -29.94 -8.84 1.26
N VAL A 164 -29.02 -9.38 0.48
CA VAL A 164 -27.73 -9.80 1.00
C VAL A 164 -26.68 -9.54 -0.07
N ILE A 165 -25.45 -9.27 0.34
CA ILE A 165 -24.34 -9.09 -0.56
C ILE A 165 -23.57 -10.40 -0.71
N VAL A 166 -23.37 -10.82 -1.95
CA VAL A 166 -22.63 -12.06 -2.24
C VAL A 166 -21.36 -11.75 -2.99
N SER A 167 -20.24 -12.29 -2.50
CA SER A 167 -18.97 -12.04 -3.16
C SER A 167 -18.48 -13.27 -3.93
N ASP A 168 -17.67 -13.03 -4.97
CA ASP A 168 -17.17 -14.07 -5.86
C ASP A 168 -15.78 -13.66 -6.37
N GLY A 169 -15.10 -14.56 -7.06
CA GLY A 169 -13.76 -14.29 -7.60
C GLY A 169 -12.67 -14.90 -6.74
N PRO A 170 -11.56 -15.35 -7.37
CA PRO A 170 -10.48 -16.02 -6.64
C PRO A 170 -9.51 -15.07 -5.94
N ASN A 171 -9.56 -13.78 -6.23
CA ASN A 171 -8.60 -12.83 -5.66
C ASN A 171 -9.23 -11.48 -5.26
N VAL A 172 -8.70 -10.88 -4.19
CA VAL A 172 -9.15 -9.56 -3.78
C VAL A 172 -8.73 -8.55 -4.84
N ASN A 173 -7.65 -8.91 -5.56
CA ASN A 173 -7.26 -8.31 -6.85
C ASN A 173 -8.43 -7.92 -7.71
N GLN A 174 -9.33 -8.88 -7.96
CA GLN A 174 -10.58 -8.53 -8.63
C GLN A 174 -11.74 -9.43 -8.23
N SER A 175 -12.31 -9.04 -7.11
CA SER A 175 -13.48 -9.67 -6.58
C SER A 175 -14.67 -9.10 -7.33
N VAL A 176 -15.77 -9.84 -7.31
CA VAL A 176 -17.02 -9.39 -7.89
C VAL A 176 -18.05 -9.43 -6.75
N HIS A 177 -18.93 -8.44 -6.68
CA HIS A 177 -19.93 -8.39 -5.63
C HIS A 177 -21.31 -8.10 -6.20
N ARG A 178 -22.29 -8.84 -5.70
CA ARG A 178 -23.66 -8.70 -6.15
C ARG A 178 -24.62 -8.52 -4.99
N ILE A 179 -25.70 -7.79 -5.24
CA ILE A 179 -26.81 -7.74 -4.30
C ILE A 179 -27.82 -8.73 -4.82
N TYR A 180 -28.21 -9.69 -4.00
CA TYR A 180 -29.30 -10.59 -4.31
C TYR A 180 -30.54 -10.17 -3.56
N GLU A 181 -31.68 -10.14 -4.27
CA GLU A 181 -32.94 -9.87 -3.65
C GLU A 181 -33.78 -11.15 -3.60
N LEU A 182 -34.29 -11.44 -2.40
CA LEU A 182 -34.97 -12.70 -2.12
C LEU A 182 -36.38 -12.41 -1.65
N GLN A 183 -37.31 -13.31 -1.96
CA GLN A 183 -38.60 -13.36 -1.32
C GLN A 183 -38.89 -14.83 -1.08
N ASN A 184 -39.48 -15.18 0.04
CA ASN A 184 -39.70 -16.55 0.41
C ASN A 184 -38.51 -17.42 0.17
N GLY A 185 -37.32 -16.93 0.46
CA GLY A 185 -36.10 -17.70 0.30
C GLY A 185 -35.78 -17.94 -1.16
N THR A 186 -36.42 -17.19 -2.05
CA THR A 186 -36.26 -17.37 -3.50
C THR A 186 -35.74 -16.11 -4.20
N VAL A 187 -34.63 -16.26 -4.93
CA VAL A 187 -34.00 -15.16 -5.63
C VAL A 187 -34.96 -14.59 -6.66
N GLN A 188 -35.28 -13.31 -6.54
CA GLN A 188 -36.13 -12.61 -7.51
C GLN A 188 -35.26 -11.95 -8.58
N ARG A 189 -34.12 -11.42 -8.15
CA ARG A 189 -33.14 -10.85 -9.05
C ARG A 189 -31.86 -10.59 -8.30
N TRP A 190 -30.86 -10.11 -9.05
CA TRP A 190 -29.59 -9.71 -8.50
C TRP A 190 -29.02 -8.57 -9.33
N LYS A 191 -28.17 -7.77 -8.72
CA LYS A 191 -27.48 -6.72 -9.44
C LYS A 191 -26.00 -6.79 -9.13
N GLN A 192 -25.18 -6.80 -10.17
CA GLN A 192 -23.74 -6.76 -9.97
C GLN A 192 -23.33 -5.33 -9.69
N LEU A 193 -22.47 -5.14 -8.70
CA LEU A 193 -22.03 -3.82 -8.37
C LEU A 193 -20.82 -3.47 -9.21
N ASN A 194 -20.70 -2.20 -9.57
CA ASN A 194 -19.48 -1.74 -10.19
C ASN A 194 -18.48 -1.41 -9.10
N THR A 195 -17.57 -2.33 -8.83
CA THR A 195 -16.61 -2.11 -7.76
C THR A 195 -15.18 -2.08 -8.29
N THR A 196 -15.03 -1.66 -9.54
CA THR A 196 -13.72 -1.52 -10.17
C THR A 196 -12.82 -0.69 -9.28
N GLY A 197 -11.63 -1.22 -8.97
CA GLY A 197 -10.67 -0.47 -8.18
C GLY A 197 -10.72 -0.70 -6.67
N ILE A 198 -11.73 -1.43 -6.20
CA ILE A 198 -11.81 -1.76 -4.77
C ILE A 198 -12.19 -3.22 -4.50
N ASN A 199 -12.27 -3.54 -3.21
CA ASN A 199 -12.69 -4.84 -2.76
C ASN A 199 -13.68 -4.61 -1.63
N PHE A 200 -14.76 -5.40 -1.61
CA PHE A 200 -15.87 -5.12 -0.70
C PHE A 200 -16.40 -6.41 -0.06
N GLU A 201 -15.64 -6.97 0.89
CA GLU A 201 -16.05 -8.20 1.56
C GLU A 201 -16.67 -7.90 2.93
N TYR A 202 -17.20 -8.94 3.58
CA TYR A 202 -17.59 -8.88 4.98
C TYR A 202 -18.64 -7.80 5.22
N SER A 203 -19.49 -7.60 4.23
CA SER A 203 -20.56 -6.62 4.32
C SER A 203 -21.35 -6.79 5.61
N THR A 204 -21.53 -5.70 6.36
CA THR A 204 -22.47 -5.68 7.47
C THR A 204 -23.40 -4.49 7.31
N CYS A 205 -24.69 -4.73 7.48
CA CYS A 205 -25.72 -3.85 7.00
C CYS A 205 -26.82 -3.60 8.02
N TYR A 206 -27.53 -2.48 7.84
CA TYR A 206 -28.79 -2.20 8.54
C TYR A 206 -29.74 -1.51 7.57
N THR A 207 -31.01 -1.38 7.97
CA THR A 207 -31.99 -0.69 7.15
C THR A 207 -32.68 0.44 7.92
N ILE A 208 -32.95 1.54 7.23
CA ILE A 208 -33.76 2.64 7.75
C ILE A 208 -34.30 3.41 6.55
N ASN A 209 -35.45 4.05 6.71
CA ASN A 209 -36.04 4.85 5.64
C ASN A 209 -36.17 4.11 4.28
N ASN A 210 -36.53 2.83 4.35
CA ASN A 210 -36.62 1.98 3.17
C ASN A 210 -35.31 1.85 2.40
N LEU A 211 -34.22 2.26 3.01
CA LEU A 211 -32.90 2.12 2.41
C LEU A 211 -32.16 0.99 3.09
N ILE A 212 -31.15 0.47 2.42
CA ILE A 212 -30.24 -0.41 3.10
C ILE A 212 -28.81 0.09 2.97
N LYS A 213 -28.12 0.15 4.11
CA LYS A 213 -26.75 0.68 4.18
C LYS A 213 -25.80 -0.37 4.69
N CYS A 214 -24.60 -0.42 4.14
CA CYS A 214 -23.67 -1.49 4.47
C CYS A 214 -22.27 -0.94 4.57
N THR A 215 -21.46 -1.53 5.42
CA THR A 215 -20.06 -1.17 5.52
C THR A 215 -19.29 -2.39 5.08
N GLY A 216 -18.30 -2.20 4.19
CA GLY A 216 -17.49 -3.29 3.70
C GLY A 216 -16.11 -3.34 4.33
N THR A 217 -15.37 -4.38 3.98
CA THR A 217 -13.98 -4.48 4.38
C THR A 217 -13.21 -4.62 3.06
N ASN A 218 -12.27 -3.71 2.81
CA ASN A 218 -11.41 -3.80 1.62
C ASN A 218 -10.15 -4.56 1.99
N LEU A 219 -10.04 -5.81 1.52
CA LEU A 219 -8.88 -6.63 1.84
C LEU A 219 -7.71 -6.39 0.87
N TRP A 220 -7.94 -5.57 -0.16
CA TRP A 220 -6.97 -5.34 -1.23
C TRP A 220 -6.13 -4.07 -1.03
N ASN A 221 -6.76 -2.89 -1.06
CA ASN A 221 -5.99 -1.64 -1.11
C ASN A 221 -6.51 -0.47 -0.29
N ASP A 222 -7.10 -0.72 0.88
CA ASP A 222 -7.71 0.39 1.62
C ASP A 222 -7.83 0.03 3.10
N ALA A 223 -7.44 0.98 3.95
CA ALA A 223 -7.57 0.84 5.39
C ALA A 223 -8.78 1.63 5.86
N LYS A 224 -9.36 2.42 4.95
CA LYS A 224 -10.69 2.97 5.20
C LYS A 224 -11.64 1.89 4.76
N ARG A 225 -12.90 2.00 5.16
CA ARG A 225 -13.92 1.01 4.88
C ARG A 225 -14.84 1.60 3.84
N PRO A 226 -15.07 0.88 2.74
CA PRO A 226 -16.03 1.40 1.76
C PRO A 226 -17.47 1.24 2.23
N LEU A 227 -18.34 2.14 1.79
CA LEU A 227 -19.73 2.15 2.21
C LEU A 227 -20.65 1.96 1.02
N LEU A 228 -21.67 1.14 1.18
CA LEU A 228 -22.67 0.93 0.14
C LEU A 228 -24.02 1.39 0.66
N ARG A 229 -24.80 2.04 -0.20
CA ARG A 229 -26.15 2.46 0.13
C ARG A 229 -27.02 2.10 -1.05
N PHE A 230 -28.16 1.47 -0.81
CA PHE A 230 -29.03 1.13 -1.93
C PHE A 230 -30.50 1.07 -1.56
N THR A 231 -31.33 1.18 -2.59
CA THR A 231 -32.78 1.10 -2.47
C THR A 231 -33.29 -0.30 -2.80
N LYS A 232 -34.60 -0.49 -2.62
CA LYS A 232 -35.25 -1.76 -2.88
C LYS A 232 -35.35 -2.02 -4.36
N GLU A 233 -35.13 -0.99 -5.17
CA GLU A 233 -35.09 -1.17 -6.63
C GLU A 233 -33.67 -1.45 -7.07
N LEU A 234 -32.78 -1.59 -6.09
CA LEU A 234 -31.36 -1.83 -6.32
C LEU A 234 -30.58 -0.70 -7.03
N ASN A 235 -31.10 0.51 -6.99
CA ASN A 235 -30.28 1.69 -7.31
C ASN A 235 -29.30 1.92 -6.15
N TYR A 236 -28.02 2.12 -6.45
CA TYR A 236 -27.05 2.16 -5.38
C TYR A 236 -25.96 3.20 -5.59
N GLN A 237 -25.20 3.43 -4.54
CA GLN A 237 -23.97 4.21 -4.59
C GLN A 237 -22.94 3.60 -3.62
N ILE A 238 -21.67 3.67 -4.01
CA ILE A 238 -20.56 3.29 -3.16
C ILE A 238 -19.72 4.53 -2.89
N VAL A 239 -19.57 4.90 -1.61
CA VAL A 239 -18.78 6.07 -1.25
C VAL A 239 -17.68 5.74 -0.23
N GLU A 240 -16.68 6.61 -0.22
CA GLU A 240 -15.53 6.47 0.65
C GLU A 240 -15.66 7.46 1.81
N PRO A 241 -15.31 7.03 3.04
CA PRO A 241 -15.32 7.98 4.16
C PRO A 241 -14.35 9.12 3.87
N CYS A 242 -14.69 10.34 4.30
CA CYS A 242 -13.92 11.52 3.92
C CYS A 242 -13.14 12.15 5.09
N ASN A 243 -13.13 11.47 6.23
CA ASN A 243 -12.22 11.86 7.28
C ASN A 243 -10.80 11.39 6.95
N GLY A 244 -9.90 11.48 7.90
CA GLY A 244 -8.54 11.00 7.71
C GLY A 244 -8.18 9.92 8.71
N ALA A 245 -9.18 9.40 9.42
CA ALA A 245 -8.98 8.34 10.43
C ALA A 245 -9.54 7.01 9.95
N PRO A 246 -8.70 6.17 9.35
CA PRO A 246 -9.12 4.89 8.76
C PRO A 246 -9.55 3.92 9.86
N THR A 247 -10.48 2.99 9.57
CA THR A 247 -10.99 2.15 10.65
C THR A 247 -10.78 0.65 10.51
N ASP A 248 -10.13 0.23 9.43
CA ASP A 248 -9.84 -1.18 9.25
C ASP A 248 -8.73 -1.57 10.22
N PHE A 249 -8.46 -2.86 10.32
CA PHE A 249 -7.23 -3.32 10.95
C PHE A 249 -6.72 -4.41 10.05
N PRO A 250 -5.46 -4.31 9.59
CA PRO A 250 -4.45 -3.28 9.86
C PRO A 250 -4.76 -1.90 9.26
N ARG A 251 -4.04 -0.90 9.75
CA ARG A 251 -4.15 0.44 9.21
C ARG A 251 -2.92 1.24 9.58
N GLY A 252 -2.78 2.41 8.97
CA GLY A 252 -1.70 3.33 9.28
C GLY A 252 -2.23 4.45 10.16
N GLY A 253 -1.44 5.51 10.33
CA GLY A 253 -1.82 6.57 11.24
C GLY A 253 -2.81 7.53 10.61
N LEU A 254 -3.25 8.51 11.39
CA LEU A 254 -4.13 9.56 10.88
C LEU A 254 -3.47 10.34 9.73
N THR A 255 -4.26 10.70 8.74
CA THR A 255 -3.81 11.57 7.65
C THR A 255 -4.76 12.74 7.54
N THR A 256 -4.47 13.68 6.64
CA THR A 256 -5.37 14.82 6.44
C THR A 256 -6.64 14.34 5.76
N PRO A 257 -7.81 14.81 6.25
CA PRO A 257 -9.12 14.44 5.72
C PRO A 257 -9.26 14.67 4.22
N SER A 258 -9.69 13.63 3.52
CA SER A 258 -10.07 13.75 2.12
C SER A 258 -10.95 12.57 1.76
N CYS A 259 -11.43 12.55 0.53
CA CYS A 259 -12.30 11.49 0.06
C CYS A 259 -11.49 10.39 -0.60
N LYS A 260 -10.16 10.53 -0.56
CA LYS A 260 -9.27 9.51 -1.10
C LYS A 260 -9.29 8.29 -0.18
N MET A 261 -8.98 7.14 -0.75
CA MET A 261 -8.73 5.93 0.00
C MET A 261 -7.44 6.11 0.78
N ALA A 262 -7.31 5.37 1.89
CA ALA A 262 -6.07 5.31 2.63
C ALA A 262 -5.41 3.97 2.33
N GLN A 263 -4.30 4.00 1.59
CA GLN A 263 -3.71 2.76 1.09
C GLN A 263 -2.52 2.22 1.91
N GLU A 264 -2.00 3.04 2.82
CA GLU A 264 -0.98 2.58 3.75
C GLU A 264 -1.56 1.39 4.55
N LYS A 265 -0.93 0.23 4.42
CA LYS A 265 -1.39 -0.97 5.11
C LYS A 265 -2.82 -1.33 4.73
N GLY A 266 -3.22 -1.06 3.49
CA GLY A 266 -4.58 -1.35 3.05
C GLY A 266 -4.83 -2.83 2.83
N GLU A 267 -3.75 -3.59 2.70
CA GLU A 267 -3.85 -5.02 2.43
C GLU A 267 -4.35 -5.74 3.68
N GLY A 268 -5.24 -6.71 3.49
CA GLY A 268 -5.85 -7.39 4.61
C GLY A 268 -6.92 -6.53 5.24
N GLY A 269 -7.42 -6.97 6.40
CA GLY A 269 -8.51 -6.28 7.07
C GLY A 269 -9.37 -7.18 7.94
N ILE A 270 -10.41 -6.61 8.52
CA ILE A 270 -11.26 -7.39 9.41
C ILE A 270 -12.65 -6.78 9.32
N GLN A 271 -13.68 -7.63 9.36
CA GLN A 271 -15.07 -7.17 9.30
C GLN A 271 -15.29 -6.08 10.33
N GLY A 272 -16.01 -5.03 9.97
CA GLY A 272 -16.31 -3.97 10.90
C GLY A 272 -17.35 -3.03 10.32
N PHE A 273 -17.80 -2.04 11.09
CA PHE A 273 -18.97 -1.25 10.68
C PHE A 273 -18.78 0.24 10.86
N ILE A 274 -19.62 1.01 10.17
CA ILE A 274 -19.73 2.45 10.33
C ILE A 274 -21.20 2.81 10.33
N LEU A 275 -21.68 3.53 11.33
CA LEU A 275 -23.07 3.93 11.33
C LEU A 275 -23.20 5.16 10.42
N ASP A 276 -23.83 4.97 9.26
CA ASP A 276 -23.74 5.94 8.15
C ASP A 276 -24.92 6.88 8.23
N GLU A 277 -24.96 7.66 9.30
CA GLU A 277 -26.05 8.59 9.50
C GLU A 277 -25.45 9.99 9.76
N LYS A 278 -26.31 10.95 10.08
CA LYS A 278 -25.85 12.23 10.62
C LYS A 278 -26.50 12.47 11.98
N PRO A 279 -25.71 12.41 13.06
CA PRO A 279 -24.27 12.11 13.13
C PRO A 279 -23.91 10.68 12.73
N ALA A 280 -22.67 10.50 12.30
CA ALA A 280 -22.16 9.21 11.94
C ALA A 280 -21.34 8.70 13.11
N TRP A 281 -21.28 7.39 13.26
CA TRP A 281 -20.36 6.82 14.23
C TRP A 281 -19.37 5.89 13.54
N THR A 282 -18.17 5.94 14.07
CA THR A 282 -17.04 5.26 13.51
C THR A 282 -16.63 4.30 14.63
N SER A 283 -15.92 3.21 14.30
CA SER A 283 -15.54 2.26 15.33
C SER A 283 -14.26 1.55 14.94
N LYS A 284 -13.36 1.35 15.89
CA LYS A 284 -12.06 0.80 15.56
C LYS A 284 -11.30 0.34 16.80
N THR A 285 -10.22 -0.40 16.60
CA THR A 285 -9.39 -0.77 17.74
C THR A 285 -8.78 0.50 18.33
N LYS A 286 -8.29 0.42 19.57
CA LYS A 286 -7.71 1.59 20.21
C LYS A 286 -6.50 2.17 19.45
N ALA A 287 -5.50 1.35 19.18
CA ALA A 287 -4.34 1.79 18.39
C ALA A 287 -4.21 0.99 17.10
N GLU A 288 -3.28 1.42 16.25
CA GLU A 288 -3.10 0.83 14.94
C GLU A 288 -2.13 -0.34 14.99
N SER A 289 -1.41 -0.43 16.10
CA SER A 289 -0.33 -1.40 16.25
C SER A 289 -0.79 -2.74 16.83
N SER A 290 -1.98 -2.75 17.44
CA SER A 290 -2.52 -3.95 18.08
C SER A 290 -4.03 -4.06 17.90
N GLN A 291 -4.54 -5.29 17.91
CA GLN A 291 -5.98 -5.50 17.87
C GLN A 291 -6.59 -5.39 19.23
N ASN A 292 -6.23 -4.33 19.95
CA ASN A 292 -6.71 -4.16 21.29
C ASN A 292 -7.69 -3.03 21.44
N GLY A 293 -8.63 -3.19 22.35
CA GLY A 293 -9.61 -2.17 22.62
C GLY A 293 -10.54 -1.93 21.45
N PHE A 294 -11.52 -1.06 21.66
CA PHE A 294 -12.50 -0.74 20.64
C PHE A 294 -13.01 0.65 20.96
N VAL A 295 -13.01 1.53 19.98
CA VAL A 295 -13.36 2.93 20.25
C VAL A 295 -14.46 3.37 19.32
N LEU A 296 -15.50 3.98 19.87
CA LEU A 296 -16.60 4.49 19.06
C LEU A 296 -16.52 6.02 19.07
N GLU A 297 -16.51 6.63 17.88
CA GLU A 297 -16.42 8.09 17.76
C GLU A 297 -17.55 8.68 16.93
N GLN A 298 -18.21 9.70 17.49
CA GLN A 298 -19.33 10.36 16.82
C GLN A 298 -18.85 11.52 15.92
N ILE A 299 -19.35 11.58 14.69
CA ILE A 299 -19.01 12.65 13.76
C ILE A 299 -20.30 13.34 13.37
N PRO A 300 -20.57 14.52 13.97
CA PRO A 300 -21.88 15.15 13.80
C PRO A 300 -22.30 15.36 12.33
N ASN A 301 -21.34 15.68 11.47
CA ASN A 301 -21.65 16.05 10.09
C ASN A 301 -21.72 14.86 9.11
N GLY A 302 -21.62 13.63 9.60
CA GLY A 302 -21.72 12.48 8.72
C GLY A 302 -20.37 12.03 8.21
N ILE A 303 -20.34 10.85 7.62
CA ILE A 303 -19.10 10.21 7.23
C ILE A 303 -18.47 10.86 5.99
N GLU A 304 -19.24 11.65 5.27
CA GLU A 304 -18.66 12.33 4.12
C GLU A 304 -18.22 13.76 4.43
N SER A 305 -18.15 14.08 5.71
CA SER A 305 -17.60 15.35 6.16
C SER A 305 -16.10 15.20 6.41
N GLU A 306 -15.52 16.22 7.03
CA GLU A 306 -14.08 16.21 7.32
C GLU A 306 -13.79 15.32 8.53
N GLY A 307 -14.82 15.03 9.31
CA GLY A 307 -14.68 14.03 10.34
C GLY A 307 -14.49 14.55 11.75
N THR A 308 -14.83 15.78 11.98
CA THR A 308 -14.67 16.36 13.26
C THR A 308 -15.43 15.51 14.29
N VAL A 309 -14.74 15.04 15.32
CA VAL A 309 -15.32 14.14 16.33
C VAL A 309 -15.86 14.90 17.53
N SER A 310 -17.15 14.68 17.83
CA SER A 310 -17.77 15.24 19.03
C SER A 310 -17.62 14.27 20.24
N LEU A 311 -18.39 13.19 20.25
CA LEU A 311 -18.32 12.18 21.31
C LEU A 311 -17.30 11.10 20.99
N SER A 312 -16.68 10.54 22.01
CA SER A 312 -15.68 9.50 21.80
C SER A 312 -15.60 8.54 22.98
N TYR A 313 -16.03 7.30 22.76
CA TYR A 313 -16.12 6.35 23.86
C TYR A 313 -15.14 5.21 23.71
N GLU A 314 -14.32 4.99 24.74
CA GLU A 314 -13.38 3.90 24.70
C GLU A 314 -14.00 2.71 25.44
N LEU A 315 -14.79 1.91 24.74
CA LEU A 315 -15.55 0.82 25.36
C LEU A 315 -14.65 -0.30 25.87
N PHE A 316 -13.61 -0.61 25.12
CA PHE A 316 -12.58 -1.54 25.57
C PHE A 316 -11.23 -0.86 25.38
N SER A 317 -10.32 -1.04 26.34
CA SER A 317 -8.99 -0.46 26.22
C SER A 317 -7.93 -1.52 25.92
N ASN A 318 -7.79 -2.51 26.80
CA ASN A 318 -6.73 -3.51 26.66
C ASN A 318 -7.15 -4.82 25.98
N LYS A 319 -8.40 -5.24 26.20
CA LYS A 319 -8.85 -6.53 25.69
C LYS A 319 -8.72 -6.64 24.18
N ARG A 320 -8.20 -7.77 23.72
CA ARG A 320 -8.08 -8.07 22.30
C ARG A 320 -9.49 -8.20 21.70
N THR A 321 -9.67 -7.62 20.51
CA THR A 321 -10.98 -7.61 19.89
C THR A 321 -10.85 -8.03 18.44
N GLY A 322 -11.98 -8.30 17.80
CA GLY A 322 -11.97 -8.79 16.43
C GLY A 322 -13.08 -8.21 15.58
N ARG A 323 -13.79 -9.09 14.88
CA ARG A 323 -14.83 -8.69 13.94
C ARG A 323 -15.96 -7.96 14.66
N SER A 324 -16.66 -7.10 13.94
CA SER A 324 -17.85 -6.49 14.51
C SER A 324 -18.84 -6.21 13.41
N GLY A 325 -20.12 -6.07 13.76
CA GLY A 325 -21.13 -5.85 12.74
C GLY A 325 -22.41 -5.35 13.36
N PHE A 326 -23.33 -4.84 12.54
CA PHE A 326 -24.65 -4.39 12.99
C PHE A 326 -25.64 -5.53 13.25
N PHE A 327 -26.58 -5.32 14.16
CA PHE A 327 -27.84 -6.05 14.10
C PHE A 327 -28.96 -5.13 14.54
N GLN A 328 -30.19 -5.39 14.12
CA GLN A 328 -31.30 -4.55 14.54
C GLN A 328 -32.38 -5.32 15.33
N PRO A 329 -32.74 -4.79 16.50
CA PRO A 329 -33.89 -5.34 17.22
C PRO A 329 -35.14 -5.17 16.37
N LYS A 330 -36.01 -6.15 16.38
CA LYS A 330 -37.17 -6.16 15.50
C LYS A 330 -38.51 -6.07 16.22
N GLY A 331 -38.55 -6.37 17.51
CA GLY A 331 -39.81 -6.37 18.22
C GLY A 331 -39.91 -5.45 19.41
N ASP A 332 -39.20 -4.33 19.37
CA ASP A 332 -39.32 -3.32 20.41
C ASP A 332 -40.76 -2.86 20.46
N LEU A 333 -41.32 -2.68 21.65
CA LEU A 333 -42.64 -2.09 21.71
C LEU A 333 -42.70 -0.78 22.43
N ILE A 334 -41.66 -0.42 23.18
CA ILE A 334 -41.66 0.88 23.83
C ILE A 334 -41.11 1.98 22.92
N SER A 335 -39.95 1.75 22.33
CA SER A 335 -39.35 2.76 21.47
C SER A 335 -40.24 3.10 20.28
N GLY A 336 -40.43 4.38 20.03
CA GLY A 336 -41.19 4.82 18.88
C GLY A 336 -40.30 4.79 17.65
N CYS A 337 -39.00 4.76 17.88
CA CYS A 337 -37.98 4.79 16.83
C CYS A 337 -37.16 3.48 16.72
N GLN A 338 -36.45 3.31 15.61
CA GLN A 338 -35.66 2.14 15.32
C GLN A 338 -34.29 2.17 16.00
N ARG A 339 -34.06 1.20 16.88
CA ARG A 339 -32.79 1.07 17.58
C ARG A 339 -31.75 0.41 16.69
N ILE A 340 -30.49 0.65 17.00
CA ILE A 340 -29.41 0.03 16.29
C ILE A 340 -28.46 -0.53 17.32
N CYS A 341 -27.95 -1.73 17.05
CA CYS A 341 -26.97 -2.41 17.87
C CYS A 341 -25.80 -2.96 17.05
N PHE A 342 -24.77 -3.42 17.74
CA PHE A 342 -23.66 -4.12 17.10
C PHE A 342 -23.17 -5.29 17.92
N TRP A 343 -22.58 -6.27 17.23
CA TRP A 343 -21.95 -7.38 17.92
C TRP A 343 -20.47 -7.20 17.72
N LEU A 344 -19.67 -7.76 18.60
CA LEU A 344 -18.25 -7.53 18.57
C LEU A 344 -17.56 -8.78 19.12
N GLU A 345 -16.55 -9.28 18.42
CA GLU A 345 -15.79 -10.39 18.98
C GLU A 345 -14.81 -9.95 20.04
N ILE A 346 -14.85 -10.64 21.17
CA ILE A 346 -13.87 -10.44 22.23
C ILE A 346 -12.95 -11.64 22.19
N GLU A 347 -11.65 -11.42 22.22
CA GLU A 347 -10.74 -12.54 22.05
C GLU A 347 -10.10 -12.97 23.36
N ASP A 348 -10.14 -14.26 23.63
CA ASP A 348 -9.63 -14.77 24.89
C ASP A 348 -8.64 -15.88 24.60
N GLN A 349 -7.53 -15.86 25.33
CA GLN A 349 -6.51 -16.88 25.23
C GLN A 349 -6.93 -18.02 26.15
N THR A 350 -6.80 -19.27 25.70
CA THR A 350 -7.12 -20.38 26.58
C THR A 350 -5.88 -21.18 26.91
N VAL A 351 -5.99 -22.03 27.92
CA VAL A 351 -4.85 -22.83 28.33
C VAL A 351 -4.65 -23.99 27.36
N GLY A 352 -5.74 -24.55 26.84
CA GLY A 352 -5.65 -25.78 26.08
C GLY A 352 -6.17 -25.81 24.65
N LEU A 353 -6.73 -24.72 24.13
CA LEU A 353 -7.12 -24.71 22.72
C LEU A 353 -6.91 -23.39 21.99
N GLY A 354 -5.84 -22.68 22.34
CA GLY A 354 -5.51 -21.45 21.64
C GLY A 354 -6.49 -20.33 21.89
N MET A 355 -6.54 -19.39 20.94
CA MET A 355 -7.34 -18.20 21.07
C MET A 355 -8.77 -18.45 20.60
N ILE A 356 -9.75 -17.96 21.36
CA ILE A 356 -11.17 -18.10 21.01
C ILE A 356 -11.86 -16.76 20.88
N GLN A 357 -13.03 -16.74 20.25
CA GLN A 357 -13.82 -15.51 20.04
C GLN A 357 -15.15 -15.72 20.70
N GLU A 358 -15.61 -14.72 21.44
CA GLU A 358 -16.97 -14.74 22.00
C GLU A 358 -17.62 -13.40 21.69
N LEU A 359 -18.88 -13.43 21.30
CA LEU A 359 -19.59 -12.18 20.97
C LEU A 359 -20.10 -11.41 22.18
N SER A 360 -19.85 -10.10 22.17
CA SER A 360 -20.58 -9.19 23.03
C SER A 360 -21.52 -8.38 22.15
N THR A 361 -22.59 -7.87 22.73
CA THR A 361 -23.53 -7.02 21.99
C THR A 361 -23.70 -5.70 22.70
N PHE A 362 -23.72 -4.61 21.93
CA PHE A 362 -23.92 -3.26 22.44
C PHE A 362 -25.06 -2.61 21.69
N CYS A 363 -25.92 -1.84 22.36
CA CYS A 363 -26.96 -1.10 21.65
C CYS A 363 -26.83 0.43 21.85
N GLY A 364 -27.29 1.20 20.87
CA GLY A 364 -27.26 2.65 20.97
C GLY A 364 -28.33 3.14 21.93
N ILE A 365 -28.03 4.18 22.71
CA ILE A 365 -29.10 4.83 23.48
C ILE A 365 -29.06 6.34 23.27
N ASN A 366 -30.19 7.01 23.44
CA ASN A 366 -30.31 8.45 23.20
C ASN A 366 -29.77 9.30 24.35
N SER A 367 -29.61 8.68 25.51
CA SER A 367 -29.17 9.38 26.71
C SER A 367 -27.63 9.24 26.78
N PRO A 368 -26.90 10.27 27.25
CA PRO A 368 -25.44 10.11 27.32
C PRO A 368 -24.99 9.27 28.54
N VAL A 369 -23.70 8.95 28.61
CA VAL A 369 -23.19 8.03 29.64
C VAL A 369 -21.66 8.15 29.77
N GLN A 370 -21.13 7.69 30.89
CA GLN A 370 -19.70 7.79 31.17
C GLN A 370 -18.85 6.86 30.32
N ASN A 371 -17.59 7.22 30.19
CA ASN A 371 -16.62 6.51 29.37
C ASN A 371 -16.07 5.28 30.11
N ILE A 372 -16.98 4.41 30.53
CA ILE A 372 -16.58 3.21 31.25
C ILE A 372 -15.79 2.25 30.37
N ASN A 373 -14.73 1.69 30.94
CA ASN A 373 -13.91 0.71 30.28
C ASN A 373 -14.51 -0.67 30.59
N TRP A 374 -14.83 -1.46 29.56
CA TRP A 374 -15.46 -2.77 29.78
C TRP A 374 -14.50 -3.95 29.86
N ASP A 375 -13.29 -3.73 30.02
CA ASP A 375 -12.31 -4.81 30.19
C ASP A 375 -12.62 -5.67 31.41
N SER A 376 -13.17 -5.04 32.45
CA SER A 376 -13.42 -5.71 33.73
C SER A 376 -14.61 -5.09 34.47
N PHE B 10 0.82 25.42 -12.01
CA PHE B 10 1.71 25.88 -10.95
C PHE B 10 2.75 24.81 -10.61
N TYR B 11 2.29 23.58 -10.40
CA TYR B 11 3.20 22.45 -10.19
C TYR B 11 4.02 22.24 -11.45
N TRP B 12 5.19 21.64 -11.31
CA TRP B 12 6.07 21.45 -12.46
C TRP B 12 5.68 20.23 -13.25
N ARG B 13 5.58 20.39 -14.56
CA ARG B 13 5.46 19.24 -15.44
C ARG B 13 6.49 19.41 -16.56
N ALA B 14 6.93 18.29 -17.12
CA ALA B 14 7.90 18.32 -18.19
C ALA B 14 7.33 19.01 -19.44
N LYS B 15 8.19 19.50 -20.31
CA LYS B 15 7.72 20.07 -21.57
C LYS B 15 7.21 18.98 -22.54
N SER B 16 6.29 19.38 -23.41
CA SER B 16 5.54 18.47 -24.27
C SER B 16 6.37 17.40 -24.98
N GLN B 17 7.53 17.78 -25.49
CA GLN B 17 8.38 16.82 -26.17
C GLN B 17 9.84 16.93 -25.72
N MET B 18 10.55 15.80 -25.74
CA MET B 18 11.97 15.77 -25.40
C MET B 18 12.77 16.38 -26.55
N CYS B 19 13.81 17.14 -26.22
CA CYS B 19 14.70 17.70 -27.23
C CYS B 19 15.50 16.60 -27.92
N GLU B 20 15.77 16.78 -29.20
CA GLU B 20 16.63 15.85 -29.92
C GLU B 20 18.02 15.94 -29.33
N VAL B 21 18.71 14.81 -29.26
CA VAL B 21 20.06 14.78 -28.73
C VAL B 21 21.05 14.27 -29.77
N LYS B 22 21.92 15.17 -30.22
CA LYS B 22 22.92 14.84 -31.22
C LYS B 22 24.29 14.95 -30.59
N GLY B 23 24.34 15.45 -29.36
CA GLY B 23 25.58 15.62 -28.62
C GLY B 23 25.42 15.80 -27.12
N TRP B 24 26.55 15.72 -26.41
CA TRP B 24 26.58 15.85 -24.96
C TRP B 24 27.69 16.81 -24.53
N VAL B 25 27.34 17.95 -23.92
CA VAL B 25 28.36 18.89 -23.49
C VAL B 25 28.43 18.97 -21.96
N PRO B 26 29.63 19.17 -21.41
CA PRO B 26 29.79 19.28 -19.97
C PRO B 26 29.37 20.66 -19.50
N THR B 27 28.47 20.72 -18.51
CA THR B 27 28.07 22.00 -17.96
C THR B 27 28.81 22.24 -16.66
N HIS B 28 29.36 21.18 -16.08
CA HIS B 28 30.19 21.28 -14.88
C HIS B 28 31.16 20.13 -14.90
N ARG B 29 32.46 20.42 -14.92
CA ARG B 29 33.45 19.41 -14.65
C ARG B 29 33.42 19.22 -13.14
N GLY B 30 33.93 18.11 -12.64
CA GLY B 30 34.01 17.98 -11.20
C GLY B 30 35.05 18.94 -10.68
N PHE B 31 34.96 19.33 -9.41
CA PHE B 31 36.08 20.02 -8.79
C PHE B 31 37.29 19.09 -8.93
N PRO B 32 38.39 19.62 -9.48
CA PRO B 32 39.56 18.84 -9.89
C PRO B 32 40.48 18.38 -8.77
N TRP B 33 39.95 17.96 -7.63
CA TRP B 33 40.81 17.44 -6.57
C TRP B 33 41.63 16.19 -6.94
N GLY B 34 42.71 15.98 -6.20
CA GLY B 34 43.59 14.85 -6.43
C GLY B 34 44.83 15.29 -7.19
N PRO B 35 46.02 14.92 -6.70
CA PRO B 35 46.18 14.12 -5.48
C PRO B 35 46.03 14.91 -4.17
N GLU B 36 45.80 16.22 -4.21
CA GLU B 36 45.55 16.99 -2.99
C GLU B 36 44.20 17.68 -3.03
N LEU B 37 43.74 18.12 -1.86
CA LEU B 37 42.42 18.75 -1.77
C LEU B 37 42.41 19.71 -0.59
N PRO B 38 41.51 20.71 -0.63
CA PRO B 38 41.47 21.68 0.47
C PRO B 38 40.91 21.09 1.76
N GLY B 39 41.29 21.70 2.90
CA GLY B 39 40.77 21.32 4.20
C GLY B 39 39.34 21.81 4.34
N ASP B 40 38.61 21.30 5.33
CA ASP B 40 37.19 21.63 5.51
C ASP B 40 36.31 21.15 4.36
N LEU B 41 36.77 20.13 3.64
CA LEU B 41 35.97 19.61 2.56
C LEU B 41 35.20 18.37 3.01
N ILE B 42 33.89 18.40 2.84
CA ILE B 42 33.10 17.24 3.19
C ILE B 42 33.26 16.26 2.04
N LEU B 43 33.70 15.04 2.34
CA LEU B 43 33.87 14.00 1.31
C LEU B 43 32.56 13.23 1.13
N SER B 44 32.19 12.97 -0.12
CA SER B 44 30.84 12.50 -0.42
C SER B 44 30.75 11.17 -1.15
N ARG B 45 29.63 10.48 -0.97
CA ARG B 45 29.34 9.27 -1.74
C ARG B 45 27.84 9.23 -2.05
N ARG B 46 27.45 8.43 -3.03
CA ARG B 46 26.03 8.29 -3.40
C ARG B 46 25.41 9.64 -3.74
N ALA B 47 26.23 10.52 -4.32
CA ALA B 47 25.78 11.83 -4.74
C ALA B 47 24.99 11.78 -6.03
N TYR B 48 24.15 12.79 -6.24
CA TYR B 48 23.38 12.92 -7.48
C TYR B 48 22.95 14.37 -7.56
N VAL B 49 22.49 14.83 -8.71
CA VAL B 49 21.98 16.19 -8.75
C VAL B 49 20.46 16.28 -8.99
N SER B 50 19.84 17.33 -8.46
CA SER B 50 18.44 17.57 -8.70
C SER B 50 18.26 19.07 -8.68
N CYS B 51 17.29 19.57 -9.44
CA CYS B 51 17.14 21.01 -9.66
C CYS B 51 15.76 21.51 -9.23
N ASP B 52 15.71 22.75 -8.76
CA ASP B 52 14.43 23.43 -8.57
C ASP B 52 14.12 24.25 -9.81
N LEU B 53 13.26 25.25 -9.67
CA LEU B 53 12.85 26.05 -10.81
C LEU B 53 13.93 27.03 -11.23
N THR B 54 15.00 27.12 -10.43
CA THR B 54 16.02 28.15 -10.64
C THR B 54 17.40 27.60 -10.97
N SER B 55 17.92 26.71 -10.12
CA SER B 55 19.24 26.13 -10.36
C SER B 55 19.30 24.74 -9.76
N CYS B 56 20.48 24.13 -9.78
CA CYS B 56 20.61 22.72 -9.44
C CYS B 56 21.47 22.51 -8.20
N PHE B 57 21.28 21.36 -7.55
CA PHE B 57 21.99 21.10 -6.31
C PHE B 57 22.58 19.71 -6.34
N LYS B 58 23.69 19.53 -5.64
CA LYS B 58 24.22 18.20 -5.39
C LYS B 58 23.65 17.69 -4.10
N PHE B 59 23.04 16.49 -4.14
CA PHE B 59 22.63 15.80 -2.92
C PHE B 59 23.60 14.67 -2.64
N PHE B 60 24.04 14.50 -1.40
CA PHE B 60 25.04 13.47 -1.12
C PHE B 60 25.04 13.00 0.33
N ILE B 61 25.59 11.80 0.57
CA ILE B 61 25.86 11.31 1.92
C ILE B 61 27.30 11.64 2.29
N ALA B 62 27.50 12.48 3.30
CA ALA B 62 28.84 12.76 3.81
C ALA B 62 29.47 11.49 4.39
N TYR B 63 30.77 11.24 4.14
CA TYR B 63 31.45 10.22 4.92
C TYR B 63 32.64 10.73 5.76
N GLY B 64 33.14 11.92 5.45
CA GLY B 64 34.29 12.46 6.14
C GLY B 64 34.54 13.93 5.83
N LEU B 65 35.36 14.55 6.68
CA LEU B 65 35.71 15.95 6.55
C LEU B 65 37.24 16.00 6.46
N SER B 66 37.78 16.75 5.49
CA SER B 66 39.21 16.74 5.24
C SER B 66 39.97 17.71 6.14
N ALA B 67 41.23 17.39 6.40
CA ALA B 67 42.12 18.31 7.10
C ALA B 67 43.54 17.86 6.84
N ASN B 68 44.40 18.79 6.41
CA ASN B 68 45.81 18.49 6.14
C ASN B 68 45.97 17.29 5.22
N GLN B 69 45.18 17.26 4.14
CA GLN B 69 45.19 16.14 3.18
C GLN B 69 44.63 14.82 3.71
N HIS B 70 44.28 14.78 4.98
CA HIS B 70 43.76 13.56 5.58
C HIS B 70 42.32 13.68 6.10
N LEU B 71 41.73 12.53 6.41
CA LEU B 71 40.43 12.51 7.07
C LEU B 71 40.58 12.91 8.52
N LEU B 72 39.74 13.84 8.95
CA LEU B 72 39.62 14.17 10.36
C LEU B 72 39.03 12.94 11.05
N ASN B 73 39.56 12.54 12.21
CA ASN B 73 38.95 11.42 12.94
C ASN B 73 37.62 11.82 13.59
N THR B 74 36.52 11.51 12.91
CA THR B 74 35.17 11.83 13.43
C THR B 74 34.25 10.61 13.31
N SER B 75 32.97 10.81 13.57
CA SER B 75 31.99 9.74 13.51
C SER B 75 31.18 9.84 12.21
N MET B 76 31.61 10.75 11.35
CA MET B 76 30.90 11.06 10.10
C MET B 76 30.60 9.84 9.23
N GLU B 77 31.51 8.88 9.21
CA GLU B 77 31.34 7.70 8.37
C GLU B 77 30.14 6.85 8.82
N TRP B 78 30.08 6.52 10.10
CA TRP B 78 28.96 5.67 10.57
C TRP B 78 27.73 6.43 11.07
N GLU B 79 27.82 7.75 11.21
CA GLU B 79 26.64 8.56 11.47
C GLU B 79 26.25 9.30 10.19
N GLU B 80 25.64 8.58 9.27
CA GLU B 80 25.38 9.04 7.91
C GLU B 80 24.26 10.10 7.85
N SER B 81 24.56 11.23 7.22
CA SER B 81 23.55 12.26 6.99
C SER B 81 23.59 12.72 5.54
N LEU B 82 22.42 13.08 5.03
CA LEU B 82 22.28 13.67 3.70
C LEU B 82 22.61 15.16 3.74
N TYR B 83 23.38 15.63 2.76
CA TYR B 83 23.64 17.06 2.65
C TYR B 83 23.27 17.58 1.26
N LYS B 84 23.19 18.88 1.13
CA LYS B 84 22.95 19.51 -0.16
C LYS B 84 23.93 20.68 -0.38
N THR B 85 24.44 20.79 -1.60
CA THR B 85 25.32 21.88 -2.02
C THR B 85 24.94 22.38 -3.42
N PRO B 86 24.94 23.71 -3.65
CA PRO B 86 24.77 24.23 -5.02
C PRO B 86 25.80 23.58 -5.97
N ILE B 87 25.46 23.27 -7.23
CA ILE B 87 26.43 22.57 -8.11
C ILE B 87 27.69 23.39 -8.36
N GLY B 88 27.55 24.71 -8.41
CA GLY B 88 28.67 25.58 -8.69
C GLY B 88 29.62 25.80 -7.51
N SER B 89 29.33 25.20 -6.37
CA SER B 89 30.16 25.37 -5.15
C SER B 89 30.87 24.09 -4.74
N ALA B 90 32.11 24.20 -4.26
CA ALA B 90 32.79 23.05 -3.65
C ALA B 90 32.04 22.71 -2.39
N SER B 91 32.17 21.47 -1.90
CA SER B 91 31.37 21.01 -0.77
C SER B 91 32.06 21.22 0.60
N THR B 92 32.22 22.47 0.99
CA THR B 92 32.83 22.82 2.26
C THR B 92 31.75 22.87 3.36
N LEU B 93 32.20 22.90 4.62
CA LEU B 93 31.30 23.15 5.75
C LEU B 93 30.50 24.44 5.55
N SER B 94 31.19 25.50 5.15
CA SER B 94 30.53 26.81 5.07
C SER B 94 29.45 26.87 3.99
N THR B 95 29.46 25.91 3.08
CA THR B 95 28.57 26.03 1.94
C THR B 95 27.55 24.92 1.83
N SER B 96 27.65 23.91 2.69
CA SER B 96 26.80 22.73 2.57
C SER B 96 25.81 22.71 3.72
N GLU B 97 24.61 22.21 3.45
CA GLU B 97 23.58 22.14 4.46
C GLU B 97 23.29 20.69 4.79
N MET B 98 23.17 20.38 6.07
CA MET B 98 22.76 19.06 6.50
C MET B 98 21.23 19.04 6.39
N ILE B 99 20.69 18.04 5.71
CA ILE B 99 19.25 17.97 5.45
C ILE B 99 18.58 17.01 6.43
N LEU B 100 19.00 15.74 6.41
CA LEU B 100 18.42 14.70 7.25
C LEU B 100 19.41 13.57 7.50
N PRO B 101 19.24 12.81 8.59
CA PRO B 101 20.01 11.57 8.73
C PRO B 101 19.57 10.59 7.65
N GLY B 102 20.47 9.75 7.15
CA GLY B 102 20.14 8.83 6.08
C GLY B 102 21.39 8.21 5.46
N ARG B 103 21.26 6.97 4.97
CA ARG B 103 22.38 6.29 4.32
C ARG B 103 22.16 6.04 2.82
N SER B 104 20.92 6.24 2.37
CA SER B 104 20.61 6.38 0.94
C SER B 104 19.45 7.36 0.83
N SER B 105 19.27 7.99 -0.34
CA SER B 105 18.27 9.04 -0.43
C SER B 105 17.66 9.20 -1.79
N SER B 106 16.72 10.14 -1.87
CA SER B 106 16.20 10.63 -3.15
C SER B 106 15.56 11.99 -2.91
N ALA B 107 15.49 12.81 -3.96
CA ALA B 107 14.96 14.16 -3.77
C ALA B 107 14.44 14.77 -5.07
N CYS B 108 13.41 15.60 -4.98
CA CYS B 108 12.85 16.19 -6.18
C CYS B 108 12.02 17.42 -5.89
N PHE B 109 11.98 18.33 -6.87
CA PHE B 109 11.24 19.57 -6.72
C PHE B 109 9.93 19.49 -7.52
N ASP B 110 8.80 19.69 -6.86
CA ASP B 110 7.51 19.62 -7.54
C ASP B 110 7.04 20.94 -8.14
N GLY B 111 7.86 21.97 -7.99
CA GLY B 111 7.52 23.32 -8.43
C GLY B 111 7.23 24.22 -7.23
N LEU B 112 7.02 23.59 -6.09
CA LEU B 112 6.71 24.36 -4.89
C LEU B 112 7.78 24.14 -3.83
N LYS B 113 8.02 22.88 -3.47
CA LYS B 113 8.95 22.56 -2.40
C LYS B 113 9.66 21.24 -2.66
N TRP B 114 10.72 21.02 -1.90
CA TRP B 114 11.51 19.80 -2.00
C TRP B 114 10.85 18.66 -1.25
N THR B 115 10.71 17.52 -1.92
CA THR B 115 10.42 16.27 -1.25
C THR B 115 11.74 15.55 -1.16
N VAL B 116 12.03 15.00 0.01
CA VAL B 116 13.30 14.33 0.24
C VAL B 116 13.00 13.06 0.99
N LEU B 117 13.51 11.93 0.51
CA LEU B 117 13.33 10.68 1.22
C LEU B 117 14.68 10.18 1.68
N VAL B 118 14.74 9.65 2.89
CA VAL B 118 15.97 9.07 3.41
C VAL B 118 15.67 7.74 4.04
N ALA B 119 16.66 6.85 4.04
CA ALA B 119 16.47 5.54 4.66
C ALA B 119 17.53 5.29 5.72
N ASN B 120 17.12 4.90 6.92
CA ASN B 120 18.04 4.56 8.00
C ASN B 120 17.71 3.20 8.59
N GLY B 121 18.70 2.57 9.23
CA GLY B 121 18.52 1.27 9.84
C GLY B 121 19.27 0.16 9.12
N ARG B 122 19.64 -0.87 9.86
CA ARG B 122 20.42 -1.97 9.28
C ARG B 122 19.57 -3.00 8.53
N ASP B 123 18.66 -3.65 9.23
CA ASP B 123 17.90 -4.73 8.62
C ASP B 123 16.40 -4.59 8.85
N ARG B 124 15.86 -5.38 9.78
CA ARG B 124 14.43 -5.30 10.10
C ARG B 124 14.06 -3.91 10.61
N ASN B 125 15.05 -3.21 11.17
CA ASN B 125 14.84 -1.89 11.75
C ASN B 125 14.80 -0.77 10.74
N SER B 126 15.07 -1.09 9.47
CA SER B 126 15.18 -0.07 8.42
C SER B 126 13.85 0.62 8.14
N PHE B 127 13.90 1.95 8.01
CA PHE B 127 12.70 2.72 7.69
C PHE B 127 13.03 3.93 6.81
N ILE B 128 12.02 4.47 6.16
CA ILE B 128 12.19 5.61 5.29
C ILE B 128 11.42 6.79 5.86
N MET B 129 12.09 7.94 5.93
CA MET B 129 11.50 9.20 6.33
C MET B 129 11.29 10.04 5.09
N ILE B 130 10.31 10.93 5.14
CA ILE B 130 10.02 11.83 4.03
C ILE B 130 9.83 13.24 4.52
N LYS B 131 10.47 14.20 3.84
CA LYS B 131 10.36 15.60 4.19
C LYS B 131 9.71 16.35 3.04
N TYR B 132 8.84 17.30 3.37
CA TYR B 132 8.31 18.23 2.38
C TYR B 132 8.65 19.64 2.84
N GLY B 133 9.44 20.38 2.07
CA GLY B 133 10.05 21.61 2.58
C GLY B 133 10.86 21.25 3.82
N GLU B 134 10.63 21.92 4.95
CA GLU B 134 11.38 21.64 6.19
C GLU B 134 10.62 20.68 7.11
N GLU B 135 9.48 20.19 6.63
CA GLU B 135 8.55 19.46 7.48
C GLU B 135 8.63 17.96 7.20
N VAL B 136 8.83 17.16 8.25
CA VAL B 136 8.74 15.70 8.12
C VAL B 136 7.28 15.27 7.99
N THR B 137 6.92 14.69 6.84
CA THR B 137 5.53 14.48 6.52
C THR B 137 5.05 13.04 6.61
N ASP B 138 5.98 12.09 6.61
CA ASP B 138 5.60 10.68 6.57
C ASP B 138 6.76 9.75 6.85
N THR B 139 6.43 8.52 7.29
CA THR B 139 7.39 7.42 7.32
C THR B 139 6.72 6.07 7.02
N PHE B 140 7.53 5.09 6.62
CA PHE B 140 7.12 3.70 6.60
C PHE B 140 8.33 2.80 6.87
N SER B 141 8.07 1.54 7.21
CA SER B 141 9.12 0.66 7.68
C SER B 141 9.37 -0.49 6.71
N ALA B 142 10.46 -1.22 6.97
CA ALA B 142 10.79 -2.42 6.21
C ALA B 142 9.65 -3.44 6.30
N SER B 143 9.30 -4.03 5.17
CA SER B 143 8.22 -5.02 5.13
C SER B 143 8.72 -6.42 4.76
N ARG B 144 9.86 -6.47 4.08
CA ARG B 144 10.40 -7.74 3.61
C ARG B 144 11.82 -8.06 4.12
N GLY B 145 12.07 -7.71 5.38
CA GLY B 145 13.34 -8.04 6.03
C GLY B 145 14.29 -6.86 6.12
N GLY B 146 14.17 -5.91 5.19
CA GLY B 146 15.07 -4.78 5.12
C GLY B 146 16.43 -5.20 4.57
N PRO B 147 17.31 -4.23 4.33
CA PRO B 147 17.06 -2.80 4.55
C PRO B 147 16.19 -2.16 3.46
N LEU B 148 15.54 -1.05 3.78
CA LEU B 148 14.92 -0.21 2.76
C LEU B 148 16.00 0.53 1.99
N ARG B 149 15.84 0.63 0.67
CA ARG B 149 16.87 1.22 -0.18
C ARG B 149 16.28 2.20 -1.18
N LEU B 150 16.75 3.45 -1.10
CA LEU B 150 16.36 4.49 -2.04
C LEU B 150 17.41 4.50 -3.15
N PRO B 151 17.07 5.08 -4.31
CA PRO B 151 17.95 4.92 -5.48
C PRO B 151 19.15 5.88 -5.59
N ASN B 152 19.27 6.88 -4.73
CA ASN B 152 20.37 7.86 -4.84
C ASN B 152 20.40 8.51 -6.22
N SER B 153 19.28 9.11 -6.58
CA SER B 153 19.11 9.85 -7.83
C SER B 153 17.80 10.58 -7.63
N GLU B 154 17.47 11.53 -8.50
CA GLU B 154 16.30 12.35 -8.19
C GLU B 154 15.01 11.55 -8.41
N CYS B 155 14.00 11.85 -7.61
CA CYS B 155 12.69 11.26 -7.84
C CYS B 155 11.98 12.11 -8.88
N ILE B 156 10.81 11.65 -9.31
CA ILE B 156 10.15 12.24 -10.46
C ILE B 156 8.80 12.86 -10.12
N CYS B 157 8.63 14.11 -10.49
CA CYS B 157 7.38 14.82 -10.21
C CYS B 157 6.62 15.19 -11.49
N ILE B 158 5.38 14.73 -11.59
CA ILE B 158 4.47 15.17 -12.63
C ILE B 158 3.22 15.79 -12.01
N GLU B 159 3.12 17.12 -12.04
CA GLU B 159 1.93 17.84 -11.59
C GLU B 159 1.61 17.61 -10.11
N GLY B 160 2.65 17.68 -9.28
CA GLY B 160 2.47 17.57 -7.85
C GLY B 160 2.53 16.15 -7.35
N SER B 161 2.67 15.22 -8.28
CA SER B 161 2.78 13.80 -7.89
C SER B 161 4.21 13.34 -8.07
N CYS B 162 4.86 12.97 -6.97
CA CYS B 162 6.25 12.53 -7.04
C CYS B 162 6.37 11.01 -6.88
N PHE B 163 7.18 10.40 -7.75
CA PHE B 163 7.34 8.95 -7.76
C PHE B 163 8.78 8.57 -7.46
N VAL B 164 8.96 7.41 -6.83
CA VAL B 164 10.31 6.93 -6.53
C VAL B 164 10.31 5.40 -6.39
N ILE B 165 11.40 4.75 -6.76
CA ILE B 165 11.54 3.31 -6.57
C ILE B 165 12.22 2.97 -5.26
N VAL B 166 11.55 2.19 -4.42
CA VAL B 166 12.10 1.76 -3.13
C VAL B 166 12.36 0.27 -3.13
N SER B 167 13.54 -0.13 -2.70
CA SER B 167 13.92 -1.54 -2.71
C SER B 167 13.97 -2.13 -1.31
N ASP B 168 13.88 -3.44 -1.22
CA ASP B 168 13.77 -4.13 0.06
C ASP B 168 14.27 -5.56 -0.12
N GLY B 169 14.36 -6.30 0.97
CA GLY B 169 14.90 -7.65 0.92
C GLY B 169 16.34 -7.64 1.40
N PRO B 170 16.83 -8.78 1.89
CA PRO B 170 18.19 -8.86 2.43
C PRO B 170 19.21 -9.36 1.42
N ASN B 171 18.73 -9.93 0.32
CA ASN B 171 19.63 -10.41 -0.73
C ASN B 171 19.19 -9.98 -2.13
N VAL B 172 20.13 -9.91 -3.05
CA VAL B 172 19.79 -9.71 -4.46
C VAL B 172 19.06 -10.94 -4.98
N ASN B 173 19.25 -12.07 -4.30
CA ASN B 173 18.54 -13.32 -4.59
C ASN B 173 17.03 -13.14 -4.65
N GLN B 174 16.45 -12.71 -3.54
CA GLN B 174 15.05 -12.31 -3.56
C GLN B 174 14.89 -10.90 -3.00
N SER B 175 14.68 -9.96 -3.91
CA SER B 175 14.59 -8.55 -3.56
C SER B 175 13.28 -8.01 -4.10
N VAL B 176 12.73 -7.04 -3.41
CA VAL B 176 11.43 -6.49 -3.75
C VAL B 176 11.55 -5.01 -4.14
N HIS B 177 10.87 -4.62 -5.20
CA HIS B 177 10.95 -3.25 -5.70
C HIS B 177 9.57 -2.66 -5.92
N ARG B 178 9.32 -1.52 -5.30
CA ARG B 178 8.01 -0.89 -5.39
C ARG B 178 8.13 0.51 -5.96
N ILE B 179 7.10 0.91 -6.70
CA ILE B 179 6.94 2.30 -7.08
C ILE B 179 6.02 2.97 -6.05
N TYR B 180 6.55 3.92 -5.29
CA TYR B 180 5.70 4.70 -4.39
C TYR B 180 5.26 5.98 -5.08
N GLU B 181 3.98 6.34 -4.95
CA GLU B 181 3.52 7.64 -5.43
C GLU B 181 3.34 8.57 -4.25
N LEU B 182 3.86 9.80 -4.39
CA LEU B 182 3.81 10.76 -3.29
C LEU B 182 3.17 12.08 -3.70
N GLN B 183 2.56 12.75 -2.73
CA GLN B 183 2.01 14.08 -2.92
C GLN B 183 2.15 14.79 -1.60
N ASN B 184 2.55 16.03 -1.64
CA ASN B 184 2.81 16.80 -0.47
C ASN B 184 3.63 16.02 0.54
N GLY B 185 4.63 15.32 0.07
CA GLY B 185 5.52 14.54 0.91
C GLY B 185 4.81 13.39 1.62
N THR B 186 3.60 13.08 1.17
CA THR B 186 2.79 12.05 1.80
C THR B 186 2.53 10.90 0.83
N VAL B 187 2.70 9.67 1.31
CA VAL B 187 2.55 8.50 0.46
C VAL B 187 1.07 8.34 0.07
N GLN B 188 0.81 8.19 -1.22
CA GLN B 188 -0.57 8.00 -1.66
C GLN B 188 -0.85 6.53 -1.96
N ARG B 189 0.08 5.88 -2.64
CA ARG B 189 -0.03 4.46 -2.93
C ARG B 189 1.34 3.85 -3.28
N TRP B 190 1.34 2.55 -3.55
CA TRP B 190 2.54 1.83 -3.98
C TRP B 190 2.19 0.54 -4.69
N LYS B 191 3.05 0.14 -5.62
CA LYS B 191 2.80 -1.07 -6.40
C LYS B 191 4.05 -1.92 -6.51
N GLN B 192 3.97 -3.13 -5.99
CA GLN B 192 5.06 -4.08 -6.10
C GLN B 192 5.25 -4.45 -7.57
N LEU B 193 6.47 -4.34 -8.07
CA LEU B 193 6.77 -4.75 -9.43
C LEU B 193 6.94 -6.26 -9.48
N ASN B 194 6.61 -6.84 -10.62
CA ASN B 194 6.89 -8.25 -10.87
C ASN B 194 8.33 -8.42 -11.36
N THR B 195 9.25 -8.56 -10.43
CA THR B 195 10.67 -8.68 -10.76
C THR B 195 11.20 -10.06 -10.46
N THR B 196 10.36 -11.07 -10.58
CA THR B 196 10.79 -12.46 -10.44
C THR B 196 11.91 -12.72 -11.43
N GLY B 197 13.04 -13.19 -10.93
CA GLY B 197 14.18 -13.52 -11.78
C GLY B 197 15.21 -12.41 -11.97
N ILE B 198 14.83 -11.16 -11.71
CA ILE B 198 15.77 -10.04 -11.85
C ILE B 198 15.86 -9.17 -10.59
N ASN B 199 16.96 -8.44 -10.49
CA ASN B 199 17.18 -7.48 -9.41
C ASN B 199 17.25 -6.06 -9.99
N PHE B 200 16.50 -5.13 -9.40
CA PHE B 200 16.37 -3.77 -9.92
C PHE B 200 16.76 -2.70 -8.87
N GLU B 201 18.06 -2.42 -8.73
CA GLU B 201 18.52 -1.42 -7.75
C GLU B 201 19.03 -0.14 -8.43
N TYR B 202 19.27 0.90 -7.64
CA TYR B 202 19.89 2.15 -8.12
C TYR B 202 19.15 2.73 -9.32
N SER B 203 17.84 2.56 -9.36
CA SER B 203 17.04 3.16 -10.42
C SER B 203 17.37 4.64 -10.60
N THR B 204 17.57 5.05 -11.85
CA THR B 204 17.65 6.47 -12.14
C THR B 204 16.65 6.75 -13.25
N CYS B 205 16.02 7.91 -13.20
CA CYS B 205 14.79 8.11 -13.96
C CYS B 205 14.66 9.50 -14.59
N TYR B 206 13.77 9.60 -15.57
CA TYR B 206 13.33 10.88 -16.12
C TYR B 206 11.88 10.78 -16.56
N THR B 207 11.26 11.94 -16.81
CA THR B 207 9.88 11.96 -17.28
C THR B 207 9.74 12.65 -18.63
N ILE B 208 8.86 12.10 -19.45
CA ILE B 208 8.51 12.70 -20.74
C ILE B 208 7.15 12.17 -21.19
N ASN B 209 6.37 13.03 -21.86
CA ASN B 209 5.03 12.67 -22.34
C ASN B 209 4.12 12.05 -21.26
N ASN B 210 4.32 12.46 -20.00
CA ASN B 210 3.60 11.88 -18.86
C ASN B 210 3.84 10.39 -18.66
N LEU B 211 4.94 9.89 -19.22
CA LEU B 211 5.41 8.56 -18.93
C LEU B 211 6.65 8.76 -18.07
N ILE B 212 7.01 7.76 -17.29
CA ILE B 212 8.25 7.84 -16.52
C ILE B 212 9.12 6.62 -16.81
N LYS B 213 10.37 6.89 -17.16
CA LYS B 213 11.29 5.85 -17.60
C LYS B 213 12.50 5.76 -16.67
N CYS B 214 12.79 4.55 -16.22
CA CYS B 214 13.89 4.33 -15.31
C CYS B 214 14.86 3.29 -15.86
N THR B 215 16.13 3.48 -15.54
CA THR B 215 17.13 2.47 -15.83
C THR B 215 17.58 1.89 -14.50
N GLY B 216 17.52 0.57 -14.37
CA GLY B 216 17.92 -0.07 -13.13
C GLY B 216 19.33 -0.62 -13.20
N THR B 217 19.76 -1.22 -12.11
CA THR B 217 21.04 -1.90 -12.04
C THR B 217 20.77 -3.28 -11.46
N ASN B 218 21.22 -4.33 -12.15
CA ASN B 218 21.03 -5.69 -11.66
C ASN B 218 22.32 -6.21 -11.04
N LEU B 219 22.35 -6.25 -9.72
CA LEU B 219 23.51 -6.74 -8.98
C LEU B 219 23.55 -8.27 -8.95
N TRP B 220 22.46 -8.90 -9.39
CA TRP B 220 22.31 -10.34 -9.28
C TRP B 220 22.81 -11.12 -10.51
N ASN B 221 22.00 -11.16 -11.56
CA ASN B 221 22.27 -12.03 -12.70
C ASN B 221 22.23 -11.36 -14.06
N ASP B 222 22.61 -10.09 -14.13
CA ASP B 222 22.49 -9.37 -15.40
C ASP B 222 23.51 -8.23 -15.55
N ALA B 223 24.26 -8.26 -16.65
CA ALA B 223 25.17 -7.17 -17.02
C ALA B 223 24.50 -6.22 -18.00
N LYS B 224 23.26 -6.53 -18.35
CA LYS B 224 22.41 -5.58 -19.04
C LYS B 224 21.55 -4.89 -18.01
N ARG B 225 21.31 -3.61 -18.20
CA ARG B 225 20.48 -2.85 -17.27
C ARG B 225 19.04 -3.02 -17.68
N PRO B 226 18.21 -3.54 -16.76
CA PRO B 226 16.79 -3.64 -17.07
C PRO B 226 16.12 -2.26 -17.11
N LEU B 227 15.17 -2.08 -18.02
CA LEU B 227 14.49 -0.81 -18.18
C LEU B 227 13.05 -0.86 -17.69
N LEU B 228 12.59 0.23 -17.10
CA LEU B 228 11.24 0.32 -16.58
C LEU B 228 10.51 1.49 -17.23
N ARG B 229 9.25 1.27 -17.57
CA ARG B 229 8.39 2.34 -18.06
C ARG B 229 7.07 2.23 -17.32
N PHE B 230 6.60 3.32 -16.74
CA PHE B 230 5.27 3.31 -16.13
C PHE B 230 4.52 4.64 -16.24
N THR B 231 3.23 4.58 -15.95
CA THR B 231 2.35 5.75 -16.05
C THR B 231 2.06 6.35 -14.68
N LYS B 232 1.34 7.48 -14.66
CA LYS B 232 0.83 8.03 -13.41
C LYS B 232 0.02 7.01 -12.62
N GLU B 233 -0.68 6.12 -13.35
CA GLU B 233 -1.56 5.13 -12.72
C GLU B 233 -0.81 3.90 -12.22
N LEU B 234 0.51 3.89 -12.42
CA LEU B 234 1.39 2.79 -12.00
C LEU B 234 1.27 1.54 -12.87
N ASN B 235 0.62 1.66 -14.01
CA ASN B 235 0.68 0.60 -15.01
C ASN B 235 2.06 0.60 -15.65
N TYR B 236 2.68 -0.57 -15.75
CA TYR B 236 4.08 -0.63 -16.10
C TYR B 236 4.48 -1.78 -17.02
N GLN B 237 5.69 -1.68 -17.56
CA GLN B 237 6.34 -2.80 -18.22
C GLN B 237 7.84 -2.79 -17.96
N ILE B 238 8.41 -3.97 -17.71
CA ILE B 238 9.84 -4.15 -17.59
C ILE B 238 10.39 -4.76 -18.86
N VAL B 239 11.39 -4.10 -19.45
CA VAL B 239 11.98 -4.62 -20.68
C VAL B 239 13.50 -4.70 -20.59
N GLU B 240 14.04 -5.73 -21.23
CA GLU B 240 15.47 -5.93 -21.34
C GLU B 240 15.98 -5.30 -22.65
N PRO B 241 17.13 -4.60 -22.58
CA PRO B 241 17.74 -4.08 -23.81
C PRO B 241 17.97 -5.22 -24.77
N CYS B 242 17.69 -5.02 -26.05
CA CYS B 242 17.71 -6.11 -27.03
C CYS B 242 19.00 -6.16 -27.84
N ASN B 243 19.88 -5.20 -27.60
CA ASN B 243 21.18 -5.20 -28.26
C ASN B 243 22.06 -6.33 -27.75
N GLY B 244 23.32 -6.32 -28.13
CA GLY B 244 24.26 -7.31 -27.64
C GLY B 244 25.40 -6.67 -26.88
N ALA B 245 25.22 -5.40 -26.50
CA ALA B 245 26.28 -4.65 -25.83
C ALA B 245 25.84 -4.16 -24.44
N PRO B 246 26.12 -4.96 -23.40
CA PRO B 246 25.67 -4.67 -22.04
C PRO B 246 26.44 -3.47 -21.48
N THR B 247 25.83 -2.71 -20.57
CA THR B 247 26.39 -1.42 -20.16
C THR B 247 26.69 -1.28 -18.67
N ASP B 248 26.45 -2.35 -17.91
CA ASP B 248 26.76 -2.45 -16.48
C ASP B 248 28.27 -2.60 -16.28
N PHE B 249 28.73 -2.47 -15.04
CA PHE B 249 30.11 -2.86 -14.70
C PHE B 249 30.12 -3.53 -13.32
N PRO B 250 30.69 -4.75 -13.24
CA PRO B 250 31.43 -5.44 -14.30
C PRO B 250 30.52 -6.03 -15.39
N ARG B 251 31.11 -6.52 -16.47
CA ARG B 251 30.33 -7.13 -17.55
C ARG B 251 31.21 -7.99 -18.41
N GLY B 252 30.57 -8.81 -19.26
CA GLY B 252 31.28 -9.58 -20.27
C GLY B 252 31.46 -8.76 -21.54
N GLY B 253 31.47 -9.44 -22.68
CA GLY B 253 31.73 -8.77 -23.94
C GLY B 253 30.50 -8.61 -24.81
N LEU B 254 30.72 -8.18 -26.05
CA LEU B 254 29.65 -8.11 -27.04
C LEU B 254 29.24 -9.52 -27.45
N THR B 255 27.94 -9.73 -27.55
CA THR B 255 27.40 -10.95 -28.14
C THR B 255 26.42 -10.54 -29.23
N THR B 256 25.86 -11.50 -29.93
CA THR B 256 24.87 -11.18 -30.95
C THR B 256 23.60 -10.69 -30.26
N PRO B 257 22.93 -9.68 -30.85
CA PRO B 257 21.71 -9.07 -30.32
C PRO B 257 20.62 -10.08 -29.97
N SER B 258 19.99 -9.86 -28.82
CA SER B 258 18.84 -10.65 -28.38
C SER B 258 18.23 -9.97 -27.16
N CYS B 259 17.00 -10.33 -26.84
CA CYS B 259 16.32 -9.75 -25.69
C CYS B 259 16.57 -10.56 -24.41
N LYS B 260 17.46 -11.54 -24.53
CA LYS B 260 17.90 -12.34 -23.39
C LYS B 260 18.72 -11.50 -22.41
N MET B 261 18.98 -12.06 -21.24
CA MET B 261 19.85 -11.44 -20.24
C MET B 261 21.30 -11.83 -20.46
N ALA B 262 22.21 -10.86 -20.34
CA ALA B 262 23.64 -11.14 -20.40
C ALA B 262 24.13 -11.58 -19.02
N GLN B 263 24.46 -12.85 -18.89
CA GLN B 263 24.71 -13.45 -17.57
C GLN B 263 26.17 -13.54 -17.14
N GLU B 264 27.11 -13.53 -18.09
CA GLU B 264 28.52 -13.54 -17.71
C GLU B 264 28.89 -12.26 -16.97
N LYS B 265 29.49 -12.43 -15.79
CA LYS B 265 29.83 -11.31 -14.90
C LYS B 265 28.59 -10.47 -14.59
N GLY B 266 27.44 -11.13 -14.47
CA GLY B 266 26.20 -10.46 -14.16
C GLY B 266 26.18 -10.10 -12.68
N GLU B 267 27.05 -10.76 -11.92
CA GLU B 267 27.23 -10.49 -10.49
C GLU B 267 27.77 -9.08 -10.31
N GLY B 268 27.30 -8.40 -9.26
CA GLY B 268 27.72 -7.04 -8.98
C GLY B 268 27.15 -6.05 -9.98
N GLY B 269 27.60 -4.81 -9.92
CA GLY B 269 27.10 -3.77 -10.81
C GLY B 269 27.31 -2.37 -10.25
N ILE B 270 26.84 -1.38 -11.00
CA ILE B 270 27.03 0.01 -10.61
C ILE B 270 25.96 0.87 -11.26
N GLN B 271 25.50 1.90 -10.55
CA GLN B 271 24.41 2.75 -11.03
C GLN B 271 24.69 3.41 -12.38
N GLY B 272 23.77 3.27 -13.32
CA GLY B 272 23.97 3.75 -14.69
C GLY B 272 22.66 4.00 -15.43
N PHE B 273 22.74 4.55 -16.64
CA PHE B 273 21.54 4.99 -17.34
C PHE B 273 21.49 4.61 -18.81
N ILE B 274 20.26 4.54 -19.33
CA ILE B 274 20.01 4.39 -20.75
C ILE B 274 18.90 5.36 -21.12
N LEU B 275 19.17 6.28 -22.04
CA LEU B 275 18.10 7.15 -22.53
C LEU B 275 17.20 6.32 -23.43
N ASP B 276 16.02 5.99 -22.90
CA ASP B 276 15.08 5.04 -23.51
C ASP B 276 14.16 5.76 -24.48
N GLU B 277 14.72 6.24 -25.59
CA GLU B 277 13.96 6.98 -26.58
C GLU B 277 14.28 6.51 -28.01
N LYS B 278 13.77 7.24 -29.00
CA LYS B 278 14.10 6.99 -30.40
C LYS B 278 14.60 8.27 -31.07
N PRO B 279 15.92 8.36 -31.30
CA PRO B 279 16.93 7.34 -31.00
C PRO B 279 17.24 7.20 -29.50
N ALA B 280 17.81 6.07 -29.12
CA ALA B 280 18.18 5.81 -27.74
C ALA B 280 19.65 6.08 -27.55
N TRP B 281 20.04 6.38 -26.32
CA TRP B 281 21.46 6.48 -26.01
C TRP B 281 21.80 5.49 -24.91
N THR B 282 23.00 4.97 -25.01
CA THR B 282 23.48 4.01 -24.06
C THR B 282 24.79 4.56 -23.50
N SER B 283 25.12 4.19 -22.26
CA SER B 283 26.30 4.73 -21.59
C SER B 283 27.04 3.62 -20.85
N LYS B 284 28.37 3.63 -20.93
CA LYS B 284 29.17 2.60 -20.28
C LYS B 284 30.63 3.05 -20.18
N THR B 285 31.40 2.34 -19.35
CA THR B 285 32.85 2.51 -19.36
C THR B 285 33.41 2.10 -20.73
N LYS B 286 34.57 2.63 -21.08
CA LYS B 286 35.19 2.38 -22.38
C LYS B 286 35.39 0.89 -22.64
N ALA B 287 36.07 0.20 -21.72
CA ALA B 287 36.30 -1.23 -21.83
C ALA B 287 35.74 -2.00 -20.63
N GLU B 288 35.61 -3.32 -20.78
CA GLU B 288 34.97 -4.15 -19.74
C GLU B 288 35.95 -4.61 -18.67
N SER B 289 37.17 -4.07 -18.71
CA SER B 289 38.24 -4.46 -17.79
C SER B 289 38.49 -3.42 -16.70
N SER B 290 38.44 -2.14 -17.08
CA SER B 290 38.66 -1.05 -16.13
C SER B 290 37.39 -0.23 -15.99
N GLN B 291 37.32 0.58 -14.95
CA GLN B 291 36.26 1.57 -14.84
C GLN B 291 36.74 2.87 -15.46
N ASN B 292 37.73 2.76 -16.34
CA ASN B 292 38.28 3.88 -17.08
C ASN B 292 37.39 4.36 -18.22
N GLY B 293 37.22 5.66 -18.33
CA GLY B 293 36.55 6.25 -19.48
C GLY B 293 35.04 6.15 -19.45
N PHE B 294 34.40 6.87 -20.36
CA PHE B 294 32.94 6.87 -20.46
C PHE B 294 32.53 7.05 -21.91
N VAL B 295 31.68 6.16 -22.40
CA VAL B 295 31.33 6.16 -23.82
C VAL B 295 29.83 6.25 -24.04
N LEU B 296 29.41 7.25 -24.80
CA LEU B 296 28.00 7.44 -25.09
C LEU B 296 27.68 7.03 -26.52
N GLU B 297 26.80 6.06 -26.69
CA GLU B 297 26.45 5.58 -28.03
C GLU B 297 24.98 5.70 -28.38
N GLN B 298 24.72 6.20 -29.59
CA GLN B 298 23.35 6.39 -30.06
C GLN B 298 22.88 5.20 -30.90
N ILE B 299 21.67 4.72 -30.60
CA ILE B 299 21.05 3.64 -31.38
C ILE B 299 19.75 4.15 -31.98
N PRO B 300 19.78 4.52 -33.28
CA PRO B 300 18.66 5.10 -34.03
C PRO B 300 17.32 4.36 -33.87
N ASN B 301 17.35 3.03 -33.84
CA ASN B 301 16.10 2.26 -33.79
C ASN B 301 15.58 1.91 -32.40
N GLY B 302 16.14 2.53 -31.36
CA GLY B 302 15.65 2.31 -30.01
C GLY B 302 16.32 1.15 -29.31
N ILE B 303 16.11 1.05 -28.00
CA ILE B 303 16.82 0.06 -27.19
C ILE B 303 16.25 -1.35 -27.41
N GLU B 304 15.06 -1.42 -27.99
CA GLU B 304 14.44 -2.71 -28.27
C GLU B 304 14.88 -3.29 -29.61
N SER B 305 15.65 -2.52 -30.38
CA SER B 305 16.15 -2.97 -31.67
C SER B 305 17.34 -3.90 -31.53
N GLU B 306 18.05 -4.12 -32.63
CA GLU B 306 19.24 -4.96 -32.65
C GLU B 306 20.47 -4.21 -32.14
N GLY B 307 20.30 -2.90 -31.91
CA GLY B 307 21.34 -2.08 -31.34
C GLY B 307 22.45 -1.66 -32.30
N THR B 308 22.08 -1.14 -33.46
CA THR B 308 23.05 -0.59 -34.41
C THR B 308 23.44 0.83 -34.01
N VAL B 309 24.74 1.09 -33.90
CA VAL B 309 25.24 2.38 -33.42
C VAL B 309 25.48 3.38 -34.55
N SER B 310 24.99 4.60 -34.34
CA SER B 310 25.26 5.70 -35.26
C SER B 310 26.40 6.56 -34.72
N LEU B 311 26.12 7.38 -33.72
CA LEU B 311 27.13 8.21 -33.07
C LEU B 311 27.75 7.50 -31.87
N SER B 312 29.03 7.77 -31.64
CA SER B 312 29.78 7.12 -30.56
C SER B 312 30.81 8.09 -29.96
N TYR B 313 30.43 8.73 -28.85
CA TYR B 313 31.25 9.74 -28.19
C TYR B 313 32.06 9.15 -27.03
N GLU B 314 33.38 9.30 -27.09
CA GLU B 314 34.23 8.90 -25.97
C GLU B 314 34.47 10.12 -25.08
N LEU B 315 33.53 10.39 -24.17
CA LEU B 315 33.57 11.57 -23.34
C LEU B 315 34.78 11.59 -22.40
N PHE B 316 35.15 10.42 -21.88
CA PHE B 316 36.38 10.28 -21.10
C PHE B 316 37.07 9.03 -21.61
N SER B 317 38.40 8.99 -21.52
CA SER B 317 39.11 7.81 -22.00
C SER B 317 39.86 7.08 -20.89
N ASN B 318 40.79 7.78 -20.24
CA ASN B 318 41.61 7.16 -19.21
C ASN B 318 41.18 7.48 -17.78
N LYS B 319 40.57 8.64 -17.58
CA LYS B 319 40.03 9.02 -16.28
C LYS B 319 39.05 7.95 -15.77
N ARG B 320 39.22 7.56 -14.51
CA ARG B 320 38.38 6.54 -13.85
C ARG B 320 36.99 7.11 -13.57
N THR B 321 35.93 6.42 -13.99
CA THR B 321 34.58 6.93 -13.79
C THR B 321 33.76 5.98 -12.92
N GLY B 322 32.57 6.41 -12.50
CA GLY B 322 31.76 5.62 -11.58
C GLY B 322 30.26 5.61 -11.82
N ARG B 323 29.49 5.95 -10.79
CA ARG B 323 28.04 6.00 -10.91
C ARG B 323 27.64 7.12 -11.87
N SER B 324 26.49 6.95 -12.51
CA SER B 324 25.93 7.99 -13.37
C SER B 324 24.41 7.92 -13.24
N GLY B 325 23.72 9.01 -13.60
CA GLY B 325 22.27 9.03 -13.49
C GLY B 325 21.68 10.25 -14.15
N PHE B 326 20.38 10.25 -14.39
CA PHE B 326 19.70 11.40 -15.02
C PHE B 326 19.34 12.49 -14.04
N PHE B 327 19.23 13.72 -14.56
CA PHE B 327 18.44 14.76 -13.90
C PHE B 327 17.88 15.66 -14.99
N GLN B 328 16.79 16.35 -14.70
CA GLN B 328 16.20 17.23 -15.70
C GLN B 328 16.17 18.68 -15.27
N PRO B 329 16.67 19.59 -16.12
CA PRO B 329 16.46 21.03 -15.96
C PRO B 329 14.95 21.33 -15.93
N LYS B 330 14.53 22.18 -15.01
CA LYS B 330 13.10 22.39 -14.79
C LYS B 330 12.63 23.81 -15.15
N GLY B 331 13.57 24.75 -15.16
CA GLY B 331 13.23 26.15 -15.34
C GLY B 331 13.81 26.80 -16.59
N ASP B 332 14.14 25.99 -17.59
CA ASP B 332 14.56 26.54 -18.89
C ASP B 332 13.48 27.44 -19.48
N LEU B 333 13.84 28.68 -19.82
CA LEU B 333 12.86 29.60 -20.40
C LEU B 333 12.98 29.68 -21.92
N ILE B 334 14.14 29.29 -22.45
CA ILE B 334 14.41 29.43 -23.87
C ILE B 334 13.98 28.20 -24.67
N SER B 335 14.49 27.03 -24.28
CA SER B 335 14.19 25.78 -24.96
C SER B 335 12.69 25.48 -24.91
N GLY B 336 12.11 25.16 -26.07
CA GLY B 336 10.69 24.86 -26.16
C GLY B 336 10.42 23.40 -25.86
N CYS B 337 11.48 22.60 -25.92
CA CYS B 337 11.39 21.18 -25.62
C CYS B 337 12.03 20.85 -24.26
N GLN B 338 11.81 19.63 -23.79
CA GLN B 338 12.36 19.20 -22.49
C GLN B 338 13.79 18.69 -22.62
N ARG B 339 14.72 19.40 -22.01
CA ARG B 339 16.11 18.97 -22.01
C ARG B 339 16.31 17.80 -21.07
N ILE B 340 17.34 17.00 -21.33
CA ILE B 340 17.73 15.90 -20.44
C ILE B 340 19.23 15.92 -20.18
N CYS B 341 19.61 15.72 -18.91
CA CYS B 341 21.02 15.71 -18.50
C CYS B 341 21.41 14.44 -17.76
N PHE B 342 22.69 14.30 -17.48
CA PHE B 342 23.14 13.28 -16.55
C PHE B 342 24.30 13.79 -15.71
N TRP B 343 24.48 13.16 -14.57
CA TRP B 343 25.62 13.40 -13.71
C TRP B 343 26.48 12.16 -13.77
N LEU B 344 27.78 12.34 -13.58
CA LEU B 344 28.72 11.23 -13.63
C LEU B 344 29.80 11.41 -12.56
N GLU B 345 30.04 10.39 -11.75
CA GLU B 345 31.17 10.41 -10.82
C GLU B 345 32.46 10.25 -11.59
N ILE B 346 33.43 11.11 -11.28
CA ILE B 346 34.80 10.97 -11.74
C ILE B 346 35.65 10.61 -10.52
N GLU B 347 36.48 9.59 -10.65
CA GLU B 347 37.29 9.16 -9.51
C GLU B 347 38.66 9.81 -9.48
N ASP B 348 38.97 10.44 -8.35
CA ASP B 348 40.30 11.00 -8.19
C ASP B 348 41.05 10.26 -7.08
N GLN B 349 42.32 9.96 -7.33
CA GLN B 349 43.19 9.37 -6.33
C GLN B 349 43.82 10.49 -5.49
N THR B 350 43.77 10.40 -4.18
CA THR B 350 44.39 11.43 -3.34
C THR B 350 45.60 10.88 -2.58
N VAL B 351 46.40 11.78 -2.03
CA VAL B 351 47.63 11.35 -1.38
C VAL B 351 47.39 10.89 0.07
N GLY B 352 46.32 11.38 0.67
CA GLY B 352 46.14 11.16 2.10
C GLY B 352 44.81 10.60 2.55
N LEU B 353 43.85 10.41 1.65
CA LEU B 353 42.59 9.81 2.08
C LEU B 353 41.96 8.90 1.04
N GLY B 354 42.79 8.22 0.24
CA GLY B 354 42.28 7.25 -0.71
C GLY B 354 41.60 7.84 -1.93
N MET B 355 40.66 7.10 -2.48
CA MET B 355 39.98 7.54 -3.69
C MET B 355 38.73 8.32 -3.37
N ILE B 356 38.50 9.41 -4.09
CA ILE B 356 37.27 10.17 -3.93
C ILE B 356 36.47 10.23 -5.20
N GLN B 357 35.20 10.60 -5.06
CA GLN B 357 34.30 10.81 -6.18
C GLN B 357 33.91 12.28 -6.22
N GLU B 358 33.92 12.87 -7.41
CA GLU B 358 33.32 14.20 -7.63
C GLU B 358 32.42 14.13 -8.86
N LEU B 359 31.25 14.77 -8.79
CA LEU B 359 30.30 14.75 -9.89
C LEU B 359 30.63 15.78 -11.00
N SER B 360 30.63 15.31 -12.24
CA SER B 360 30.56 16.20 -13.39
C SER B 360 29.17 16.09 -14.00
N THR B 361 28.75 17.11 -14.74
CA THR B 361 27.43 17.13 -15.34
C THR B 361 27.49 17.39 -16.86
N PHE B 362 26.74 16.59 -17.61
CA PHE B 362 26.65 16.75 -19.06
C PHE B 362 25.17 16.96 -19.43
N CYS B 363 24.91 17.74 -20.47
CA CYS B 363 23.54 17.99 -20.90
C CYS B 363 23.38 17.74 -22.42
N GLY B 364 22.29 17.09 -22.81
CA GLY B 364 22.05 16.85 -24.23
C GLY B 364 21.91 18.13 -25.05
N ILE B 365 22.45 18.16 -26.26
CA ILE B 365 22.13 19.25 -27.20
C ILE B 365 21.68 18.71 -28.55
N ASN B 366 21.08 19.59 -29.36
CA ASN B 366 20.58 19.22 -30.68
C ASN B 366 21.59 19.38 -31.82
N SER B 367 22.74 19.98 -31.53
CA SER B 367 23.80 20.12 -32.52
C SER B 367 24.85 19.05 -32.27
N PRO B 368 25.38 18.43 -33.33
CA PRO B 368 26.50 17.51 -33.15
C PRO B 368 27.76 18.26 -32.75
N VAL B 369 28.72 17.55 -32.17
CA VAL B 369 29.96 18.16 -31.70
C VAL B 369 31.10 17.15 -31.88
N GLN B 370 32.34 17.63 -31.94
CA GLN B 370 33.49 16.76 -32.19
C GLN B 370 33.72 15.78 -31.05
N ASN B 371 34.46 14.71 -31.32
CA ASN B 371 34.69 13.67 -30.31
C ASN B 371 35.74 14.08 -29.28
N ILE B 372 35.41 15.08 -28.48
CA ILE B 372 36.35 15.59 -27.50
C ILE B 372 36.48 14.68 -26.28
N ASN B 373 37.71 14.38 -25.89
CA ASN B 373 38.03 13.63 -24.68
C ASN B 373 38.22 14.63 -23.52
N TRP B 374 37.49 14.44 -22.45
CA TRP B 374 37.53 15.39 -21.39
C TRP B 374 38.44 15.05 -20.25
N ASP B 375 39.28 14.06 -20.43
CA ASP B 375 40.29 13.85 -19.44
C ASP B 375 41.14 15.11 -19.09
N SER B 376 41.07 16.17 -19.90
CA SER B 376 41.79 17.39 -19.57
C SER B 376 41.51 18.51 -20.59
C1 NAG C . -17.35 1.94 -12.51
C2 NAG C . -17.53 3.04 -13.57
C3 NAG C . -16.23 3.80 -13.83
C4 NAG C . -15.51 4.17 -12.54
C5 NAG C . -15.47 2.96 -11.59
C6 NAG C . -14.79 3.25 -10.27
C7 NAG C . -19.22 2.69 -15.30
C8 NAG C . -19.63 1.90 -16.50
N2 NAG C . -18.01 2.47 -14.81
O3 NAG C . -16.50 4.95 -14.61
O4 NAG C . -14.19 4.58 -12.86
O5 NAG C . -16.79 2.50 -11.36
O6 NAG C . -15.54 4.23 -9.60
O7 NAG C . -20.00 3.52 -14.81
C1 NAG C . -13.87 5.90 -12.36
C2 NAG C . -12.35 6.05 -12.29
C3 NAG C . -12.00 7.39 -11.64
C4 NAG C . -12.58 8.48 -12.53
C5 NAG C . -14.10 8.27 -12.69
C6 NAG C . -14.64 9.28 -13.69
C7 NAG C . -11.15 3.94 -12.36
C8 NAG C . -10.07 3.12 -11.74
N2 NAG C . -11.71 4.92 -11.63
O3 NAG C . -10.61 7.55 -11.54
O4 NAG C . -12.30 9.77 -12.02
O5 NAG C . -14.43 6.96 -13.12
O6 NAG C . -16.01 9.51 -13.41
O7 NAG C . -11.50 3.70 -13.52
CA CA D . -7.96 -3.25 4.37
ZN ZN E . -19.46 -19.56 22.80
ZN ZN F . -15.94 20.24 11.06
ZN ZN G . -14.39 -28.37 4.28
C1 NAG H . -6.75 -36.31 15.08
C2 NAG H . -5.29 -35.99 15.35
C3 NAG H . -4.59 -35.75 14.02
C4 NAG H . -4.70 -37.02 13.17
C5 NAG H . -6.07 -37.70 13.20
C6 NAG H . -5.80 -39.20 13.00
C7 NAG H . -4.22 -34.72 17.14
C8 NAG H . -4.22 -33.45 17.93
N2 NAG H . -5.17 -34.81 16.20
O3 NAG H . -3.23 -35.48 14.25
O4 NAG H . -4.38 -36.72 11.83
O5 NAG H . -6.83 -37.54 14.40
O6 NAG H . -6.98 -39.92 12.72
O7 NAG H . -3.41 -35.62 17.36
C1 NAG I . -44.53 -15.85 -0.84
C2 NAG I . -45.79 -16.65 -0.52
C3 NAG I . -47.10 -15.97 -0.91
C4 NAG I . -47.08 -14.45 -0.69
C5 NAG I . -45.78 -13.84 -1.16
C6 NAG I . -45.71 -12.36 -0.78
C7 NAG I . -46.46 -18.97 -0.97
C8 NAG I . -46.93 -19.76 -2.16
N2 NAG I . -45.70 -17.91 -1.24
O3 NAG I . -48.15 -16.52 -0.14
O4 NAG I . -48.16 -13.86 -1.36
O5 NAG I . -44.68 -14.48 -0.55
O6 NAG I . -46.21 -11.54 -1.81
O7 NAG I . -46.78 -19.30 0.17
CA CA J . 25.18 -6.58 -12.88
ZN ZN K . 33.03 17.54 -3.39
ZN ZN L . 20.08 -2.32 -37.59
ZN ZN M . 25.41 3.86 10.84
C1 NAG N . 39.88 7.30 15.30
C2 NAG N . 40.92 6.24 14.95
C3 NAG N . 40.38 4.85 15.26
C4 NAG N . 39.79 4.76 16.66
C5 NAG N . 39.00 5.98 17.10
C6 NAG N . 38.84 5.85 18.63
C7 NAG N . 42.57 6.18 13.18
C8 NAG N . 42.84 6.34 11.71
N2 NAG N . 41.29 6.30 13.55
O3 NAG N . 41.43 3.92 15.17
O4 NAG N . 38.97 3.62 16.74
O5 NAG N . 39.60 7.20 16.69
O6 NAG N . 38.68 7.07 19.33
O7 NAG N . 43.49 5.95 13.97
#